data_1VR5
#
_entry.id   1VR5
#
_cell.length_a   140.030
_cell.length_b   96.640
_cell.length_c   115.780
_cell.angle_alpha   90.00
_cell.angle_beta   90.00
_cell.angle_gamma   90.00
#
_symmetry.space_group_name_H-M   'P 21 21 2'
#
loop_
_entity.id
_entity.type
_entity.pdbx_description
1 polymer 'oligopeptide ABC transporter, periplasmic oligopeptide-binding protein'
2 non-polymer 'SODIUM ION'
3 non-polymer 'CHLORIDE ION'
4 non-polymer 'ACETATE ION'
5 non-polymer '4-(2-HYDROXYETHYL)-1-PIPERAZINE ETHANESULFONIC ACID'
6 non-polymer 1,2-ETHANEDIOL
7 non-polymer 'FORMIC ACID'
8 water water
#
_entity_poly.entity_id   1
_entity_poly.type   'polypeptide(L)'
_entity_poly.pdbx_seq_one_letter_code
;(MSE)GSDKIHHHHHHERNKTLYWGGALWSPPSNWNPFTPWNAVAGTIGLVYEPLFLYDPLNDKFEPWLAEKGEWVSNNE
YVLTLRKGLRWQDGVPLTADDVVFTFEIAKKYTGISYSPVWNWLGRIERVDERTLKFVFSDPRYQEWKQ(MSE)LINTPI
VPKHIWENKTEEEVLQAANENPVGSGPYYVESWADDRCVFKKNGNWWGIRELGYDPKPERIVELRVLSNNVAVG(MSE)L
(MSE)KGELDWSNFFLPGVPVLKKAYGIVTWYENAPY(MSE)LPANTAGIYINVNKYPLSIPEFRRA(MSE)AYAINPEK
IVTRAYEN(MSE)VTAANPAGILPLPGY(MSE)KYYPKEVVDKYGFKYDPE(MSE)AKKILDELGFKDVNKDGFREDPNG
KPFKLTIECPYGWTDW(MSE)VSIQSIAEDLVKVGINVEPKYPDYSKYADDLYGGKFDLILNNFTTGVSATIWSYFNGVF
YPDAVESEYSYSGNFGKYANPEVETLLDELNRSNDDAKIKEVVAKLSEILLKDLPFIPLWYNGAWFQASEAVWTNWPTEK
NPYAVPIGWNGWWQLTGIKTLFGIEAK
;
_entity_poly.pdbx_strand_id   A,B
#
loop_
_chem_comp.id
_chem_comp.type
_chem_comp.name
_chem_comp.formula
ACT non-polymer 'ACETATE ION' 'C2 H3 O2 -1'
CL non-polymer 'CHLORIDE ION' 'Cl -1'
EDO non-polymer 1,2-ETHANEDIOL 'C2 H6 O2'
EPE non-polymer '4-(2-HYDROXYETHYL)-1-PIPERAZINE ETHANESULFONIC ACID' 'C8 H18 N2 O4 S'
FMT non-polymer 'FORMIC ACID' 'C H2 O2'
NA non-polymer 'SODIUM ION' 'Na 1'
#
# COMPACT_ATOMS: atom_id res chain seq x y z
N HIS A 12 -39.31 13.06 -36.99
CA HIS A 12 -39.29 12.75 -35.54
C HIS A 12 -40.65 13.16 -34.96
N GLU A 13 -41.49 12.16 -34.70
CA GLU A 13 -42.74 12.34 -33.97
C GLU A 13 -42.53 13.17 -32.70
N ARG A 14 -43.26 14.27 -32.60
CA ARG A 14 -43.04 15.25 -31.54
C ARG A 14 -43.20 14.64 -30.16
N ASN A 15 -44.24 13.84 -29.96
CA ASN A 15 -44.50 13.26 -28.63
C ASN A 15 -43.63 12.06 -28.28
N LYS A 16 -42.68 11.76 -29.17
CA LYS A 16 -41.64 10.76 -28.89
C LYS A 16 -40.23 11.34 -28.85
N THR A 17 -40.15 12.66 -28.98
CA THR A 17 -38.86 13.35 -29.12
C THR A 17 -38.75 14.38 -27.99
N LEU A 18 -37.61 14.36 -27.31
CA LEU A 18 -37.30 15.33 -26.29
C LEU A 18 -36.25 16.32 -26.76
N TYR A 19 -36.56 17.61 -26.68
CA TYR A 19 -35.65 18.67 -27.07
C TYR A 19 -35.07 19.26 -25.83
N TRP A 20 -33.75 19.25 -25.76
CA TRP A 20 -32.99 19.59 -24.58
C TRP A 20 -31.87 20.55 -24.94
N GLY A 21 -31.66 21.57 -24.14
CA GLY A 21 -30.54 22.50 -24.31
C GLY A 21 -29.92 22.91 -22.99
N GLY A 22 -28.73 23.48 -23.06
CA GLY A 22 -28.06 24.02 -21.89
C GLY A 22 -26.64 23.53 -21.74
N ALA A 23 -26.23 22.57 -22.58
CA ALA A 23 -24.84 22.01 -22.46
C ALA A 23 -24.04 21.97 -23.76
N LEU A 24 -24.63 22.40 -24.86
CA LEU A 24 -23.99 22.38 -26.21
C LEU A 24 -23.69 23.78 -26.67
N TRP A 25 -22.42 24.12 -26.59
CA TRP A 25 -21.99 25.50 -26.82
C TRP A 25 -21.11 25.66 -28.06
N SER A 26 -20.79 24.56 -28.73
CA SER A 26 -20.06 24.62 -29.98
C SER A 26 -20.59 23.52 -30.86
N PRO A 27 -20.22 23.55 -32.13
CA PRO A 27 -20.70 22.52 -33.04
C PRO A 27 -20.23 21.14 -32.59
N PRO A 28 -21.16 20.17 -32.54
CA PRO A 28 -20.79 18.83 -32.07
C PRO A 28 -19.73 18.22 -32.97
N SER A 29 -18.61 17.81 -32.39
CA SER A 29 -17.49 17.29 -33.17
C SER A 29 -16.66 16.20 -32.46
N ASN A 30 -16.97 15.91 -31.21
CA ASN A 30 -16.18 15.02 -30.41
C ASN A 30 -17.11 14.26 -29.44
N TRP A 31 -16.94 12.93 -29.38
CA TRP A 31 -17.67 12.05 -28.50
C TRP A 31 -16.70 11.06 -27.80
N ASN A 32 -15.52 11.56 -27.44
CA ASN A 32 -14.43 10.74 -26.92
C ASN A 32 -14.55 10.59 -25.41
N PRO A 33 -14.78 9.37 -24.92
CA PRO A 33 -14.99 9.23 -23.45
C PRO A 33 -13.74 9.48 -22.62
N PHE A 34 -12.57 9.50 -23.24
CA PHE A 34 -11.34 9.84 -22.55
C PHE A 34 -11.16 11.35 -22.38
N THR A 35 -11.91 12.15 -23.12
CA THR A 35 -11.82 13.62 -23.07
C THR A 35 -13.21 14.23 -22.92
N PRO A 36 -13.89 13.89 -21.82
CA PRO A 36 -15.30 14.35 -21.70
C PRO A 36 -15.52 15.86 -21.59
N TRP A 37 -14.47 16.55 -21.18
CA TRP A 37 -14.47 17.99 -21.19
C TRP A 37 -14.59 18.62 -22.58
N ASN A 38 -14.29 17.87 -23.66
CA ASN A 38 -14.42 18.32 -25.05
C ASN A 38 -15.53 17.61 -25.83
N ALA A 39 -16.14 16.62 -25.21
CA ALA A 39 -17.14 15.80 -25.82
C ALA A 39 -18.55 16.42 -25.70
N VAL A 40 -19.43 16.04 -26.61
CA VAL A 40 -20.85 16.45 -26.54
C VAL A 40 -21.43 15.98 -25.25
N ALA A 41 -22.08 16.86 -24.52
CA ALA A 41 -22.68 16.49 -23.25
C ALA A 41 -23.66 15.32 -23.43
N GLY A 42 -23.58 14.35 -22.54
CA GLY A 42 -24.33 13.08 -22.70
C GLY A 42 -23.46 11.92 -23.18
N THR A 43 -22.33 12.24 -23.84
CA THR A 43 -21.32 11.21 -24.15
C THR A 43 -21.11 10.29 -22.95
N ILE A 44 -20.89 10.90 -21.83
CA ILE A 44 -20.88 10.17 -20.56
C ILE A 44 -22.29 10.27 -19.99
N GLY A 45 -23.00 9.15 -19.95
CA GLY A 45 -24.34 9.08 -19.38
C GLY A 45 -25.28 8.42 -20.36
N LEU A 46 -25.44 9.01 -21.55
CA LEU A 46 -26.31 8.46 -22.58
C LEU A 46 -25.61 7.32 -23.34
N VAL A 47 -24.31 7.49 -23.63
CA VAL A 47 -23.55 6.58 -24.50
C VAL A 47 -22.63 5.68 -23.65
N TYR A 48 -21.76 6.30 -22.85
CA TYR A 48 -20.81 5.55 -22.05
C TYR A 48 -21.22 5.63 -20.63
N GLU A 49 -20.97 4.54 -19.88
CA GLU A 49 -21.56 4.41 -18.56
C GLU A 49 -20.50 4.10 -17.50
N PRO A 50 -20.77 4.53 -16.28
CA PRO A 50 -19.95 4.20 -15.13
C PRO A 50 -20.41 2.99 -14.34
N LEU A 51 -19.57 2.57 -13.42
CA LEU A 51 -19.83 1.44 -12.50
C LEU A 51 -20.95 1.73 -11.53
N PHE A 52 -21.00 2.96 -11.03
CA PHE A 52 -22.01 3.42 -10.11
C PHE A 52 -22.54 4.79 -10.47
N LEU A 53 -23.75 5.09 -9.97
CA LEU A 53 -24.23 6.49 -9.86
C LEU A 53 -24.12 6.91 -8.39
N TYR A 54 -24.02 8.20 -8.14
CA TYR A 54 -24.19 8.77 -6.79
C TYR A 54 -25.43 9.65 -6.78
N ASP A 55 -26.33 9.37 -5.83
CA ASP A 55 -27.53 10.18 -5.61
C ASP A 55 -27.24 11.25 -4.53
N PRO A 56 -27.01 12.50 -4.99
CA PRO A 56 -26.71 13.56 -4.00
C PRO A 56 -27.89 14.06 -3.14
N LEU A 57 -29.11 13.71 -3.55
CA LEU A 57 -30.28 14.07 -2.79
C LEU A 57 -30.44 13.18 -1.60
N ASN A 58 -30.08 11.93 -1.74
CA ASN A 58 -30.28 10.95 -0.68
C ASN A 58 -29.01 10.38 -0.11
N ASP A 59 -27.87 10.80 -0.68
CA ASP A 59 -26.53 10.44 -0.20
C ASP A 59 -26.38 8.94 -0.24
N LYS A 60 -26.56 8.38 -1.42
CA LYS A 60 -26.43 6.93 -1.63
C LYS A 60 -25.85 6.67 -2.97
N PHE A 61 -25.04 5.62 -3.05
CA PHE A 61 -24.61 5.10 -4.33
C PHE A 61 -25.59 4.10 -4.90
N GLU A 62 -25.65 4.02 -6.23
CA GLU A 62 -26.51 3.09 -6.97
C GLU A 62 -25.67 2.30 -7.94
N PRO A 63 -25.57 1.00 -7.72
CA PRO A 63 -24.81 0.15 -8.64
C PRO A 63 -25.39 0.20 -10.04
N TRP A 64 -24.54 0.53 -11.00
CA TRP A 64 -24.99 0.73 -12.38
C TRP A 64 -24.49 -0.43 -13.27
N LEU A 65 -23.36 -0.31 -13.92
CA LEU A 65 -22.78 -1.49 -14.54
C LEU A 65 -22.41 -2.53 -13.51
N ALA A 66 -22.00 -2.06 -12.33
CA ALA A 66 -21.68 -2.91 -11.22
C ALA A 66 -22.98 -3.45 -10.58
N GLU A 67 -22.97 -4.70 -10.15
CA GLU A 67 -24.03 -5.22 -9.32
C GLU A 67 -23.76 -4.87 -7.87
N LYS A 68 -22.49 -4.86 -7.47
CA LYS A 68 -22.11 -4.64 -6.08
C LYS A 68 -20.66 -4.20 -6.06
N GLY A 69 -20.28 -3.48 -5.02
CA GLY A 69 -18.86 -3.10 -4.84
C GLY A 69 -18.66 -2.84 -3.39
N GLU A 70 -17.56 -3.34 -2.84
CA GLU A 70 -17.26 -3.10 -1.45
C GLU A 70 -15.79 -3.32 -1.07
N TRP A 71 -15.39 -2.60 -0.03
CA TRP A 71 -14.10 -2.77 0.65
C TRP A 71 -14.21 -4.02 1.50
N VAL A 72 -13.41 -5.03 1.19
CA VAL A 72 -13.38 -6.29 1.95
C VAL A 72 -12.19 -6.34 2.95
N SER A 73 -11.30 -5.36 2.84
CA SER A 73 -10.26 -5.13 3.82
C SER A 73 -9.84 -3.71 3.67
N ASN A 74 -8.89 -3.27 4.49
CA ASN A 74 -8.43 -1.90 4.39
C ASN A 74 -7.94 -1.50 3.02
N ASN A 75 -7.32 -2.43 2.26
CA ASN A 75 -6.75 -2.05 0.96
C ASN A 75 -7.28 -2.86 -0.21
N GLU A 76 -8.37 -3.59 -0.01
CA GLU A 76 -8.99 -4.35 -1.06
C GLU A 76 -10.45 -4.02 -1.30
N TYR A 77 -10.76 -3.74 -2.59
CA TYR A 77 -12.11 -3.42 -3.01
C TYR A 77 -12.57 -4.43 -4.00
N VAL A 78 -13.64 -5.13 -3.71
CA VAL A 78 -14.15 -6.16 -4.60
C VAL A 78 -15.35 -5.64 -5.36
N LEU A 79 -15.24 -5.69 -6.67
CA LEU A 79 -16.26 -5.24 -7.60
C LEU A 79 -16.89 -6.41 -8.34
N THR A 80 -18.20 -6.52 -8.27
CA THR A 80 -18.92 -7.52 -9.05
C THR A 80 -19.76 -6.87 -10.14
N LEU A 81 -19.50 -7.23 -11.36
CA LEU A 81 -20.27 -6.71 -12.47
C LEU A 81 -21.55 -7.48 -12.66
N ARG A 82 -22.59 -6.79 -13.15
CA ARG A 82 -23.84 -7.45 -13.50
C ARG A 82 -23.60 -8.44 -14.63
N LYS A 83 -24.43 -9.47 -14.72
CA LYS A 83 -24.43 -10.34 -15.86
C LYS A 83 -25.25 -9.73 -16.99
N GLY A 84 -24.96 -10.17 -18.19
CA GLY A 84 -25.75 -9.82 -19.39
C GLY A 84 -25.52 -8.43 -19.93
N LEU A 85 -24.35 -7.87 -19.71
CA LEU A 85 -24.07 -6.54 -20.21
C LEU A 85 -23.54 -6.71 -21.65
N ARG A 86 -23.89 -5.75 -22.49
CA ARG A 86 -23.50 -5.74 -23.90
C ARG A 86 -23.22 -4.34 -24.37
N TRP A 87 -22.22 -4.23 -25.24
CA TRP A 87 -21.95 -3.01 -25.97
C TRP A 87 -23.00 -2.83 -27.08
N GLN A 88 -23.09 -1.62 -27.60
CA GLN A 88 -24.12 -1.24 -28.57
C GLN A 88 -23.97 -1.96 -29.89
N ASP A 89 -22.78 -2.48 -30.13
CA ASP A 89 -22.53 -3.30 -31.31
C ASP A 89 -22.79 -4.81 -31.14
N GLY A 90 -23.30 -5.24 -29.97
CA GLY A 90 -23.65 -6.61 -29.70
C GLY A 90 -22.57 -7.44 -29.04
N VAL A 91 -21.38 -6.88 -28.87
CA VAL A 91 -20.28 -7.59 -28.20
C VAL A 91 -20.53 -7.54 -26.67
N PRO A 92 -20.32 -8.66 -26.00
CA PRO A 92 -20.48 -8.65 -24.54
C PRO A 92 -19.55 -7.64 -23.87
N LEU A 93 -20.09 -6.96 -22.83
CA LEU A 93 -19.33 -6.09 -21.97
C LEU A 93 -19.01 -6.93 -20.75
N THR A 94 -17.74 -7.11 -20.48
CA THR A 94 -17.31 -7.97 -19.39
C THR A 94 -16.26 -7.31 -18.53
N ALA A 95 -15.88 -8.01 -17.47
CA ALA A 95 -14.85 -7.53 -16.56
C ALA A 95 -13.53 -7.28 -17.30
N ASP A 96 -13.33 -7.95 -18.43
CA ASP A 96 -12.16 -7.62 -19.25
C ASP A 96 -12.15 -6.15 -19.72
N ASP A 97 -13.34 -5.58 -19.96
CA ASP A 97 -13.42 -4.19 -20.44
C ASP A 97 -13.13 -3.24 -19.26
N VAL A 98 -13.48 -3.65 -18.07
CA VAL A 98 -13.19 -2.84 -16.90
C VAL A 98 -11.68 -2.81 -16.63
N VAL A 99 -11.05 -3.99 -16.67
CA VAL A 99 -9.60 -4.09 -16.50
C VAL A 99 -8.91 -3.20 -17.53
N PHE A 100 -9.38 -3.29 -18.78
CA PHE A 100 -8.82 -2.51 -19.87
C PHE A 100 -8.94 -1.01 -19.61
N THR A 101 -10.11 -0.60 -19.13
CA THR A 101 -10.39 0.80 -18.85
C THR A 101 -9.39 1.36 -17.83
N PHE A 102 -9.05 0.58 -16.81
CA PHE A 102 -8.00 1.03 -15.88
C PHE A 102 -6.57 0.87 -16.43
N GLU A 103 -6.27 -0.28 -17.01
CA GLU A 103 -4.88 -0.60 -17.33
C GLU A 103 -4.42 0.22 -18.52
N ILE A 104 -5.33 0.67 -19.38
CA ILE A 104 -4.87 1.47 -20.54
C ILE A 104 -4.17 2.77 -20.03
N ALA A 105 -4.61 3.29 -18.90
CA ALA A 105 -4.07 4.51 -18.25
C ALA A 105 -2.75 4.28 -17.47
N LYS A 106 -2.36 3.02 -17.32
CA LYS A 106 -1.05 2.69 -16.78
C LYS A 106 -0.06 2.82 -17.90
N LYS A 107 -0.47 2.27 -19.03
CA LYS A 107 0.30 2.30 -20.29
C LYS A 107 0.44 3.77 -20.74
N TYR A 108 -0.68 4.48 -20.83
CA TYR A 108 -0.79 5.81 -21.47
C TYR A 108 -1.03 6.88 -20.43
N THR A 109 0.06 7.52 -20.01
CA THR A 109 -0.02 8.47 -18.92
C THR A 109 -0.68 9.78 -19.24
N GLY A 110 -0.89 10.07 -20.51
CA GLY A 110 -1.66 11.25 -20.85
C GLY A 110 -3.15 11.17 -20.60
N ILE A 111 -3.65 9.95 -20.33
CA ILE A 111 -5.05 9.75 -19.88
C ILE A 111 -5.31 10.38 -18.55
N SER A 112 -6.46 11.05 -18.46
CA SER A 112 -6.72 11.93 -17.31
C SER A 112 -6.58 11.29 -15.94
N TYR A 113 -7.00 10.04 -15.80
CA TYR A 113 -6.98 9.32 -14.52
C TYR A 113 -5.77 8.40 -14.38
N SER A 114 -4.77 8.59 -15.22
CA SER A 114 -3.57 7.80 -15.06
C SER A 114 -2.90 7.85 -13.68
N PRO A 115 -3.05 8.96 -12.92
CA PRO A 115 -2.53 8.98 -11.56
C PRO A 115 -3.16 7.98 -10.59
N VAL A 116 -4.26 7.31 -10.97
CA VAL A 116 -4.82 6.24 -10.15
C VAL A 116 -3.77 5.19 -9.80
N TRP A 117 -2.84 4.96 -10.69
CA TRP A 117 -1.86 3.91 -10.51
C TRP A 117 -0.78 4.29 -9.49
N ASN A 118 -0.79 5.54 -9.03
CA ASN A 118 0.06 5.97 -7.90
C ASN A 118 -0.42 5.40 -6.59
N TRP A 119 -1.69 4.98 -6.56
CA TRP A 119 -2.28 4.43 -5.33
C TRP A 119 -3.04 3.10 -5.46
N LEU A 120 -3.42 2.75 -6.68
CA LEU A 120 -3.88 1.40 -6.96
C LEU A 120 -2.66 0.56 -7.30
N GLY A 121 -2.55 -0.63 -6.69
CA GLY A 121 -1.39 -1.52 -6.97
C GLY A 121 -1.57 -2.47 -8.16
N ARG A 122 -2.66 -3.24 -8.15
CA ARG A 122 -2.98 -4.19 -9.18
C ARG A 122 -4.46 -4.52 -9.13
N ILE A 123 -4.95 -5.09 -10.20
CA ILE A 123 -6.29 -5.62 -10.31
C ILE A 123 -6.23 -7.12 -10.56
N GLU A 124 -6.90 -7.89 -9.68
CA GLU A 124 -6.97 -9.33 -9.76
C GLU A 124 -8.32 -9.76 -10.28
N ARG A 125 -8.31 -10.81 -11.08
CA ARG A 125 -9.53 -11.41 -11.60
C ARG A 125 -10.00 -12.50 -10.63
N VAL A 126 -11.10 -12.28 -9.93
CA VAL A 126 -11.57 -13.25 -8.95
C VAL A 126 -12.33 -14.36 -9.66
N ASP A 127 -13.25 -13.97 -10.55
CA ASP A 127 -13.99 -14.92 -11.36
C ASP A 127 -14.43 -14.19 -12.60
N GLU A 128 -15.31 -14.79 -13.39
CA GLU A 128 -15.62 -14.17 -14.68
C GLU A 128 -16.22 -12.78 -14.57
N ARG A 129 -16.83 -12.40 -13.46
CA ARG A 129 -17.38 -11.05 -13.43
C ARG A 129 -16.97 -10.26 -12.20
N THR A 130 -15.93 -10.74 -11.53
CA THR A 130 -15.52 -10.18 -10.26
C THR A 130 -14.06 -9.81 -10.30
N LEU A 131 -13.78 -8.56 -9.90
CA LEU A 131 -12.43 -8.02 -9.80
C LEU A 131 -12.09 -7.59 -8.39
N LYS A 132 -10.86 -7.82 -7.95
CA LYS A 132 -10.38 -7.30 -6.66
C LYS A 132 -9.32 -6.27 -6.93
N PHE A 133 -9.60 -5.04 -6.50
CA PHE A 133 -8.67 -3.92 -6.65
C PHE A 133 -7.83 -3.85 -5.41
N VAL A 134 -6.51 -3.98 -5.56
CA VAL A 134 -5.57 -4.07 -4.45
C VAL A 134 -4.79 -2.80 -4.40
N PHE A 135 -4.97 -2.02 -3.34
CA PHE A 135 -4.40 -0.67 -3.26
C PHE A 135 -3.07 -0.56 -2.53
N SER A 136 -2.17 0.23 -3.06
CA SER A 136 -0.95 0.60 -2.31
C SER A 136 -1.21 1.72 -1.37
N ASP A 137 -2.24 2.52 -1.66
CA ASP A 137 -2.60 3.66 -0.84
C ASP A 137 -4.11 3.84 -0.94
N PRO A 138 -4.88 3.28 -0.01
CA PRO A 138 -6.32 3.31 -0.16
C PRO A 138 -6.95 4.68 0.13
N ARG A 139 -7.20 5.41 -0.95
CA ARG A 139 -7.77 6.74 -0.88
C ARG A 139 -9.27 6.59 -1.08
N TYR A 140 -9.96 6.33 0.01
CA TYR A 140 -11.39 5.99 -0.02
C TYR A 140 -12.22 7.10 -0.65
N GLN A 141 -11.87 8.35 -0.41
CA GLN A 141 -12.74 9.43 -0.94
C GLN A 141 -12.54 9.61 -2.41
N GLU A 142 -11.30 9.65 -2.80
CA GLU A 142 -10.94 9.75 -4.21
C GLU A 142 -11.49 8.54 -5.03
N TRP A 143 -11.55 7.37 -4.40
CA TRP A 143 -12.07 6.17 -5.06
C TRP A 143 -13.52 6.34 -5.40
N LYS A 144 -14.27 7.03 -4.56
CA LYS A 144 -15.69 7.29 -4.85
C LYS A 144 -15.91 8.05 -6.11
N GLN A 145 -15.04 9.04 -6.37
CA GLN A 145 -15.03 9.79 -7.60
C GLN A 145 -14.64 8.94 -8.81
N MSE A 146 -13.69 8.01 -8.67
CA MSE A 146 -13.40 7.08 -9.72
C MSE A 146 -14.60 6.25 -10.08
O MSE A 146 -14.82 5.97 -11.28
CB MSE A 146 -12.23 6.14 -9.39
CG MSE A 146 -10.88 6.87 -9.22
SE MSE A 146 -10.15 7.52 -10.96
CE MSE A 146 -10.04 5.89 -11.98
N LEU A 147 -15.34 5.81 -9.08
CA LEU A 147 -16.45 4.88 -9.32
C LEU A 147 -17.58 5.51 -10.14
N ILE A 148 -17.78 6.81 -9.99
CA ILE A 148 -18.90 7.47 -10.66
C ILE A 148 -18.48 8.18 -11.90
N ASN A 149 -17.21 8.53 -12.03
CA ASN A 149 -16.77 9.34 -13.16
C ASN A 149 -15.94 8.67 -14.24
N THR A 150 -15.55 7.41 -14.05
CA THR A 150 -14.73 6.71 -15.04
C THR A 150 -15.67 5.91 -15.94
N PRO A 151 -15.80 6.32 -17.21
CA PRO A 151 -16.64 5.52 -18.09
C PRO A 151 -15.91 4.26 -18.52
N ILE A 152 -16.64 3.16 -18.63
CA ILE A 152 -16.08 1.92 -19.09
C ILE A 152 -16.15 1.91 -20.58
N VAL A 153 -15.03 1.58 -21.22
CA VAL A 153 -14.88 1.64 -22.66
C VAL A 153 -14.59 0.24 -23.21
N PRO A 154 -14.94 -0.01 -24.49
CA PRO A 154 -14.80 -1.35 -25.08
C PRO A 154 -13.37 -1.67 -25.54
N LYS A 155 -12.76 -2.65 -24.91
CA LYS A 155 -11.42 -3.11 -25.34
C LYS A 155 -11.38 -3.40 -26.81
N HIS A 156 -12.43 -4.05 -27.33
CA HIS A 156 -12.41 -4.45 -28.73
C HIS A 156 -12.38 -3.34 -29.74
N ILE A 157 -12.74 -2.15 -29.34
CA ILE A 157 -12.68 -0.97 -30.18
C ILE A 157 -11.36 -0.20 -29.94
N TRP A 158 -10.93 -0.03 -28.67
CA TRP A 158 -9.80 0.88 -28.37
C TRP A 158 -8.42 0.23 -28.23
N GLU A 159 -8.36 -1.09 -28.13
CA GLU A 159 -7.08 -1.77 -27.88
C GLU A 159 -5.99 -1.60 -28.96
N ASN A 160 -6.36 -1.34 -30.21
CA ASN A 160 -5.33 -1.21 -31.25
C ASN A 160 -4.65 0.17 -31.34
N LYS A 161 -5.04 1.10 -30.49
CA LYS A 161 -4.70 2.48 -30.74
C LYS A 161 -3.43 2.89 -30.01
N THR A 162 -2.67 3.79 -30.61
CA THR A 162 -1.58 4.46 -29.91
C THR A 162 -2.14 5.48 -28.91
N GLU A 163 -1.32 5.98 -28.01
CA GLU A 163 -1.79 6.99 -27.02
C GLU A 163 -2.40 8.21 -27.70
N GLU A 164 -1.74 8.73 -28.71
CA GLU A 164 -2.25 9.91 -29.40
C GLU A 164 -3.51 9.60 -30.20
N GLU A 165 -3.61 8.38 -30.72
CA GLU A 165 -4.85 7.97 -31.38
C GLU A 165 -6.01 7.90 -30.41
N VAL A 166 -5.73 7.44 -29.21
CA VAL A 166 -6.75 7.40 -28.18
C VAL A 166 -7.16 8.83 -27.86
N LEU A 167 -6.19 9.68 -27.56
CA LEU A 167 -6.50 11.02 -27.05
C LEU A 167 -7.04 12.00 -28.10
N GLN A 168 -6.65 11.86 -29.36
CA GLN A 168 -7.10 12.74 -30.39
C GLN A 168 -8.35 12.25 -31.17
N ALA A 169 -8.85 11.05 -30.88
CA ALA A 169 -9.98 10.53 -31.66
C ALA A 169 -11.23 11.42 -31.49
N ALA A 170 -11.89 11.77 -32.60
CA ALA A 170 -13.19 12.44 -32.54
C ALA A 170 -14.25 11.47 -32.02
N ASN A 171 -14.07 10.19 -32.33
CA ASN A 171 -14.97 9.12 -31.95
C ASN A 171 -16.39 9.36 -32.43
N GLU A 172 -16.53 9.75 -33.70
CA GLU A 172 -17.84 9.83 -34.33
C GLU A 172 -18.56 8.47 -34.25
N ASN A 173 -19.87 8.50 -34.20
CA ASN A 173 -20.64 7.26 -34.06
C ASN A 173 -20.11 6.40 -32.88
N PRO A 174 -20.02 7.00 -31.68
CA PRO A 174 -19.40 6.29 -30.56
C PRO A 174 -20.12 4.99 -30.23
N VAL A 175 -19.33 3.96 -29.92
CA VAL A 175 -19.89 2.68 -29.49
C VAL A 175 -19.78 2.56 -27.98
N GLY A 176 -20.90 2.83 -27.29
CA GLY A 176 -20.98 2.68 -25.85
C GLY A 176 -21.85 1.51 -25.45
N SER A 177 -22.30 1.55 -24.21
CA SER A 177 -23.15 0.52 -23.60
C SER A 177 -24.51 1.08 -23.18
N GLY A 178 -24.66 2.42 -23.25
CA GLY A 178 -25.77 3.11 -22.69
C GLY A 178 -27.09 3.07 -23.44
N PRO A 179 -28.09 3.76 -22.88
CA PRO A 179 -29.45 3.76 -23.38
C PRO A 179 -29.71 4.48 -24.64
N TYR A 180 -28.75 5.29 -25.15
CA TYR A 180 -28.87 6.02 -26.43
C TYR A 180 -27.60 5.91 -27.21
N TYR A 181 -27.71 6.02 -28.52
CA TYR A 181 -26.55 6.14 -29.42
C TYR A 181 -26.75 7.38 -30.28
N VAL A 182 -25.73 7.84 -30.98
CA VAL A 182 -25.84 9.05 -31.78
C VAL A 182 -26.40 8.64 -33.14
N GLU A 183 -27.54 9.22 -33.52
CA GLU A 183 -28.12 8.93 -34.83
C GLU A 183 -27.63 9.90 -35.89
N SER A 184 -27.54 11.17 -35.55
CA SER A 184 -27.12 12.20 -36.48
C SER A 184 -26.66 13.41 -35.73
N TRP A 185 -25.99 14.29 -36.44
CA TRP A 185 -25.61 15.59 -35.87
C TRP A 185 -25.45 16.64 -36.97
N ALA A 186 -25.43 17.90 -36.53
CA ALA A 186 -25.26 19.04 -37.39
C ALA A 186 -24.62 20.15 -36.55
N ASP A 187 -24.36 21.30 -37.14
CA ASP A 187 -23.69 22.38 -36.42
C ASP A 187 -24.44 22.85 -35.22
N ASP A 188 -25.77 22.69 -35.24
CA ASP A 188 -26.61 23.17 -34.14
C ASP A 188 -27.28 22.09 -33.25
N ARG A 189 -26.93 20.82 -33.45
CA ARG A 189 -27.57 19.78 -32.71
C ARG A 189 -26.87 18.42 -32.79
N CYS A 190 -27.12 17.62 -31.76
CA CYS A 190 -26.76 16.21 -31.74
C CYS A 190 -28.03 15.43 -31.42
N VAL A 191 -28.37 14.47 -32.27
CA VAL A 191 -29.59 13.68 -32.10
C VAL A 191 -29.22 12.29 -31.56
N PHE A 192 -29.65 12.00 -30.35
CA PHE A 192 -29.49 10.67 -29.75
C PHE A 192 -30.77 9.83 -29.95
N LYS A 193 -30.61 8.55 -30.24
CA LYS A 193 -31.68 7.61 -30.56
C LYS A 193 -31.62 6.48 -29.52
N LYS A 194 -32.78 6.10 -29.01
CA LYS A 194 -32.92 5.06 -28.01
C LYS A 194 -32.41 3.72 -28.51
N ASN A 195 -31.58 3.11 -27.67
CA ASN A 195 -31.10 1.74 -27.77
C ASN A 195 -32.12 0.78 -27.13
N GLY A 196 -32.95 0.19 -27.97
CA GLY A 196 -34.01 -0.73 -27.54
C GLY A 196 -33.49 -2.01 -26.91
N ASN A 197 -32.21 -2.30 -27.11
CA ASN A 197 -31.51 -3.40 -26.42
C ASN A 197 -30.71 -3.03 -25.19
N TRP A 198 -30.83 -1.79 -24.68
CA TRP A 198 -30.06 -1.39 -23.53
C TRP A 198 -30.26 -2.43 -22.45
N TRP A 199 -29.16 -2.87 -21.86
CA TRP A 199 -29.15 -3.87 -20.79
C TRP A 199 -29.94 -3.44 -19.59
N GLY A 200 -30.06 -2.14 -19.35
CA GLY A 200 -30.78 -1.66 -18.20
C GLY A 200 -32.28 -1.97 -18.19
N ILE A 201 -32.82 -2.18 -19.37
CA ILE A 201 -34.26 -2.46 -19.51
C ILE A 201 -34.49 -3.82 -18.87
N ARG A 202 -33.82 -4.85 -19.35
CA ARG A 202 -33.94 -6.19 -18.74
C ARG A 202 -33.32 -6.21 -17.36
N GLU A 203 -32.10 -5.69 -17.20
CA GLU A 203 -31.37 -5.90 -15.94
C GLU A 203 -31.79 -4.95 -14.83
N LEU A 204 -32.22 -3.72 -15.11
CA LEU A 204 -32.67 -2.80 -14.03
C LEU A 204 -34.16 -2.48 -13.96
N GLY A 205 -34.90 -2.81 -15.02
CA GLY A 205 -36.30 -2.44 -15.12
C GLY A 205 -36.53 -0.97 -15.38
N TYR A 206 -35.53 -0.30 -15.96
CA TYR A 206 -35.60 1.12 -16.29
C TYR A 206 -35.79 1.21 -17.78
N ASP A 207 -36.82 1.92 -18.22
CA ASP A 207 -37.04 2.05 -19.66
C ASP A 207 -37.09 3.52 -20.04
N PRO A 208 -36.08 3.98 -20.80
CA PRO A 208 -36.02 5.37 -21.25
C PRO A 208 -37.23 5.72 -22.11
N LYS A 209 -37.89 6.82 -21.78
CA LYS A 209 -39.14 7.16 -22.44
C LYS A 209 -38.99 7.80 -23.85
N PRO A 210 -38.12 8.84 -24.02
CA PRO A 210 -37.97 9.41 -25.39
C PRO A 210 -37.32 8.47 -26.39
N GLU A 211 -37.86 8.42 -27.58
CA GLU A 211 -37.26 7.63 -28.63
C GLU A 211 -36.05 8.35 -29.16
N ARG A 212 -36.11 9.68 -29.13
CA ARG A 212 -34.98 10.50 -29.50
C ARG A 212 -34.85 11.63 -28.49
N ILE A 213 -33.61 11.96 -28.24
CA ILE A 213 -33.23 13.16 -27.52
C ILE A 213 -32.43 14.06 -28.48
N VAL A 214 -32.95 15.25 -28.73
CA VAL A 214 -32.31 16.21 -29.58
C VAL A 214 -31.67 17.27 -28.70
N GLU A 215 -30.33 17.24 -28.68
CA GLU A 215 -29.53 18.19 -27.96
C GLU A 215 -29.25 19.39 -28.85
N LEU A 216 -29.81 20.54 -28.45
CA LEU A 216 -29.76 21.76 -29.23
C LEU A 216 -28.75 22.78 -28.77
N ARG A 217 -28.09 23.40 -29.72
CA ARG A 217 -27.26 24.54 -29.45
C ARG A 217 -28.11 25.78 -29.74
N VAL A 218 -28.21 26.63 -28.72
CA VAL A 218 -29.03 27.84 -28.81
C VAL A 218 -28.10 29.03 -28.53
N LEU A 219 -28.10 29.95 -29.47
CA LEU A 219 -27.13 31.06 -29.51
C LEU A 219 -27.49 32.24 -28.59
N SER A 220 -28.76 32.44 -28.28
CA SER A 220 -29.15 33.55 -27.41
C SER A 220 -30.16 33.14 -26.38
N ASN A 221 -30.08 33.79 -25.23
CA ASN A 221 -31.03 33.51 -24.15
C ASN A 221 -32.47 33.92 -24.50
N ASN A 222 -32.65 34.95 -25.33
CA ASN A 222 -33.99 35.25 -25.81
C ASN A 222 -34.60 34.10 -26.61
N VAL A 223 -33.80 33.46 -27.47
CA VAL A 223 -34.34 32.35 -28.24
C VAL A 223 -34.64 31.17 -27.34
N ALA A 224 -33.77 30.91 -26.38
CA ALA A 224 -33.97 29.80 -25.47
C ALA A 224 -35.26 29.97 -24.63
N VAL A 225 -35.40 31.12 -24.02
CA VAL A 225 -36.59 31.39 -23.23
C VAL A 225 -37.86 31.40 -24.09
N GLY A 226 -37.78 31.93 -25.32
CA GLY A 226 -38.91 31.93 -26.21
C GLY A 226 -39.34 30.53 -26.60
N MSE A 227 -38.37 29.67 -26.81
CA MSE A 227 -38.66 28.29 -27.17
C MSE A 227 -39.30 27.54 -26.03
O MSE A 227 -40.23 26.76 -26.29
CB MSE A 227 -37.38 27.58 -27.59
CG MSE A 227 -36.96 28.00 -28.97
SE MSE A 227 -35.26 26.95 -29.36
CE MSE A 227 -36.14 25.19 -30.09
N LEU A 228 -38.84 27.78 -24.81
CA LEU A 228 -39.47 27.22 -23.60
C LEU A 228 -40.93 27.65 -23.48
N MSE A 229 -41.15 28.94 -23.66
CA MSE A 229 -42.51 29.49 -23.61
C MSE A 229 -43.45 28.93 -24.65
O MSE A 229 -44.64 28.78 -24.39
CB MSE A 229 -42.45 31.00 -23.81
CG MSE A 229 -41.85 31.74 -22.68
SE MSE A 229 -43.05 31.58 -21.03
CE MSE A 229 -41.93 30.18 -20.14
N LYS A 230 -42.92 28.63 -25.83
CA LYS A 230 -43.71 28.07 -26.90
C LYS A 230 -43.84 26.55 -26.86
N GLY A 231 -43.14 25.88 -25.93
CA GLY A 231 -43.12 24.43 -25.87
C GLY A 231 -42.32 23.78 -26.98
N GLU A 232 -41.37 24.52 -27.56
CA GLU A 232 -40.42 23.99 -28.55
C GLU A 232 -39.15 23.40 -27.94
N LEU A 233 -38.84 23.83 -26.72
CA LEU A 233 -37.76 23.28 -25.92
C LEU A 233 -38.42 22.63 -24.71
N ASP A 234 -38.17 21.34 -24.49
CA ASP A 234 -38.74 20.64 -23.33
C ASP A 234 -37.96 20.82 -22.04
N TRP A 235 -36.65 20.65 -22.14
CA TRP A 235 -35.73 20.52 -21.02
C TRP A 235 -34.61 21.55 -21.18
N SER A 236 -34.53 22.52 -20.26
CA SER A 236 -33.48 23.54 -20.26
C SER A 236 -32.58 23.44 -19.01
N ASN A 237 -31.29 23.34 -19.25
CA ASN A 237 -30.29 23.60 -18.25
C ASN A 237 -29.55 24.90 -18.47
N PHE A 238 -30.20 25.83 -19.16
CA PHE A 238 -29.67 27.16 -19.37
C PHE A 238 -29.95 28.02 -18.14
N PHE A 239 -29.05 28.93 -17.80
CA PHE A 239 -29.40 30.04 -16.95
C PHE A 239 -30.23 31.02 -17.77
N LEU A 240 -31.44 31.29 -17.29
CA LEU A 240 -32.37 32.21 -17.95
C LEU A 240 -32.88 33.25 -16.98
N PRO A 241 -32.50 34.51 -17.21
CA PRO A 241 -33.06 35.60 -16.39
C PRO A 241 -34.57 35.68 -16.50
N GLY A 242 -35.25 36.11 -15.44
CA GLY A 242 -36.68 36.35 -15.50
C GLY A 242 -37.53 35.13 -15.19
N VAL A 243 -36.90 33.99 -14.93
CA VAL A 243 -37.68 32.78 -14.69
C VAL A 243 -38.67 32.98 -13.55
N PRO A 244 -38.28 33.61 -12.41
CA PRO A 244 -39.25 33.76 -11.34
C PRO A 244 -40.55 34.45 -11.81
N VAL A 245 -40.44 35.52 -12.56
CA VAL A 245 -41.66 36.17 -13.06
C VAL A 245 -42.40 35.36 -14.11
N LEU A 246 -41.67 34.70 -14.99
CA LEU A 246 -42.29 33.86 -16.02
C LEU A 246 -43.06 32.70 -15.43
N LYS A 247 -42.52 32.10 -14.36
CA LYS A 247 -43.25 31.07 -13.61
C LYS A 247 -44.60 31.53 -13.11
N LYS A 248 -44.59 32.70 -12.49
CA LYS A 248 -45.74 33.35 -11.90
C LYS A 248 -46.79 33.66 -12.97
N ALA A 249 -46.33 34.19 -14.09
CA ALA A 249 -47.20 34.74 -15.12
C ALA A 249 -47.64 33.71 -16.13
N TYR A 250 -46.78 32.73 -16.43
CA TYR A 250 -47.00 31.84 -17.58
C TYR A 250 -46.98 30.39 -17.23
N GLY A 251 -46.18 29.99 -16.26
CA GLY A 251 -46.09 28.58 -15.94
C GLY A 251 -44.84 27.99 -16.59
N ILE A 252 -43.95 27.51 -15.75
CA ILE A 252 -42.80 26.77 -16.21
C ILE A 252 -42.37 25.92 -15.02
N VAL A 253 -41.92 24.71 -15.28
CA VAL A 253 -41.50 23.78 -14.22
C VAL A 253 -40.12 24.17 -13.74
N THR A 254 -39.94 24.24 -12.43
CA THR A 254 -38.62 24.31 -11.78
C THR A 254 -38.65 23.34 -10.58
N TRP A 255 -37.47 23.07 -10.01
CA TRP A 255 -37.36 22.14 -8.90
C TRP A 255 -38.19 22.58 -7.68
N TYR A 256 -37.98 23.83 -7.26
CA TYR A 256 -38.74 24.45 -6.19
C TYR A 256 -39.82 25.36 -6.72
N GLU A 257 -40.98 25.36 -6.07
CA GLU A 257 -42.05 26.26 -6.48
C GLU A 257 -41.73 27.72 -6.18
N ASN A 258 -41.02 27.95 -5.08
CA ASN A 258 -40.64 29.29 -4.67
C ASN A 258 -39.13 29.42 -4.64
N ALA A 259 -38.65 30.62 -4.29
CA ALA A 259 -37.21 30.82 -4.15
C ALA A 259 -36.65 29.73 -3.23
N PRO A 260 -35.46 29.18 -3.55
CA PRO A 260 -34.58 29.66 -4.61
C PRO A 260 -34.72 29.03 -6.01
N TYR A 261 -35.81 28.33 -6.27
CA TYR A 261 -36.18 27.76 -7.58
C TYR A 261 -35.33 26.61 -8.05
N MSE A 262 -34.02 26.67 -7.83
CA MSE A 262 -33.08 25.69 -8.35
C MSE A 262 -32.33 24.99 -7.24
O MSE A 262 -32.01 25.60 -6.20
CB MSE A 262 -32.01 26.41 -9.20
CG MSE A 262 -32.48 27.58 -9.99
SE MSE A 262 -33.52 26.94 -11.58
CE MSE A 262 -34.17 28.62 -12.41
N LEU A 263 -32.02 23.72 -7.46
CA LEU A 263 -31.00 23.01 -6.68
C LEU A 263 -29.64 23.71 -6.80
N PRO A 264 -28.75 23.51 -5.82
CA PRO A 264 -27.39 24.08 -5.90
C PRO A 264 -26.46 23.17 -6.73
N ALA A 265 -25.54 23.76 -7.51
CA ALA A 265 -24.63 22.99 -8.33
C ALA A 265 -23.21 22.99 -7.80
N ASN A 266 -22.81 24.10 -7.17
CA ASN A 266 -21.44 24.32 -6.80
C ASN A 266 -21.32 25.55 -5.92
N THR A 267 -20.14 25.79 -5.38
CA THR A 267 -19.84 26.99 -4.61
C THR A 267 -19.09 27.97 -5.43
N ALA A 268 -19.74 29.10 -5.65
CA ALA A 268 -19.12 30.23 -6.30
C ALA A 268 -18.46 31.13 -5.28
N GLY A 269 -17.22 31.51 -5.58
CA GLY A 269 -16.41 32.33 -4.70
C GLY A 269 -15.23 32.94 -5.37
N ILE A 270 -14.47 33.67 -4.58
CA ILE A 270 -13.36 34.45 -5.07
C ILE A 270 -12.09 33.76 -4.62
N TYR A 271 -11.28 33.31 -5.58
CA TYR A 271 -9.90 32.88 -5.36
C TYR A 271 -9.02 34.12 -5.34
N ILE A 272 -8.09 34.10 -4.41
CA ILE A 272 -7.26 35.24 -4.10
C ILE A 272 -5.81 34.86 -4.33
N ASN A 273 -5.08 35.75 -4.96
CA ASN A 273 -3.64 35.56 -5.17
C ASN A 273 -2.88 35.93 -3.91
N VAL A 274 -2.58 34.91 -3.10
CA VAL A 274 -2.04 35.10 -1.75
C VAL A 274 -0.55 35.44 -1.82
N ASN A 275 0.01 35.45 -3.01
CA ASN A 275 1.44 35.75 -3.18
C ASN A 275 1.67 37.15 -3.66
N LYS A 276 0.64 37.97 -3.66
CA LYS A 276 0.70 39.34 -4.09
C LYS A 276 0.33 40.29 -2.94
N TYR A 277 1.23 41.20 -2.57
CA TYR A 277 0.92 42.15 -1.50
C TYR A 277 -0.14 43.11 -2.00
N PRO A 278 -1.15 43.46 -1.18
CA PRO A 278 -1.43 43.13 0.22
C PRO A 278 -2.37 41.92 0.42
N LEU A 279 -2.67 41.21 -0.65
CA LEU A 279 -3.56 40.03 -0.62
C LEU A 279 -2.93 38.89 0.14
N SER A 280 -1.63 38.98 0.35
CA SER A 280 -0.85 38.06 1.16
C SER A 280 -1.10 38.12 2.69
N ILE A 281 -1.83 39.14 3.15
CA ILE A 281 -2.15 39.31 4.56
C ILE A 281 -3.49 38.60 4.78
N PRO A 282 -3.50 37.52 5.56
CA PRO A 282 -4.80 36.82 5.79
C PRO A 282 -5.90 37.71 6.35
N GLU A 283 -5.55 38.65 7.23
CA GLU A 283 -6.52 39.56 7.81
C GLU A 283 -7.08 40.53 6.79
N PHE A 284 -6.33 40.83 5.71
CA PHE A 284 -6.86 41.64 4.63
C PHE A 284 -7.92 40.88 3.86
N ARG A 285 -7.66 39.60 3.63
CA ARG A 285 -8.61 38.70 2.99
C ARG A 285 -9.91 38.61 3.81
N ARG A 286 -9.77 38.48 5.12
CA ARG A 286 -10.91 38.51 6.06
C ARG A 286 -11.67 39.81 5.96
N ALA A 287 -10.95 40.93 5.87
CA ALA A 287 -11.65 42.23 5.70
C ALA A 287 -12.47 42.24 4.42
N MSE A 288 -11.92 41.72 3.33
CA MSE A 288 -12.65 41.71 2.09
C MSE A 288 -13.91 40.85 2.27
O MSE A 288 -14.98 41.22 1.81
CB MSE A 288 -11.81 41.18 0.88
CG MSE A 288 -10.67 42.11 0.55
SE MSE A 288 -9.94 41.65 -1.19
CE MSE A 288 -9.17 40.02 -0.54
N ALA A 289 -13.80 39.76 3.00
CA ALA A 289 -14.96 38.86 3.19
C ALA A 289 -16.09 39.52 4.01
N TYR A 290 -15.74 40.25 5.05
CA TYR A 290 -16.70 41.06 5.80
C TYR A 290 -17.35 42.15 4.97
N ALA A 291 -16.64 42.67 3.98
CA ALA A 291 -17.11 43.80 3.18
C ALA A 291 -18.17 43.45 2.14
N ILE A 292 -18.18 42.19 1.71
CA ILE A 292 -19.03 41.75 0.60
C ILE A 292 -20.42 41.33 1.10
N ASN A 293 -21.45 41.86 0.42
CA ASN A 293 -22.85 41.56 0.71
C ASN A 293 -23.36 40.54 -0.34
N PRO A 294 -23.41 39.27 0.04
CA PRO A 294 -23.79 38.24 -0.94
C PRO A 294 -25.27 38.37 -1.36
N GLU A 295 -26.09 38.93 -0.52
CA GLU A 295 -27.51 39.14 -0.83
C GLU A 295 -27.75 40.13 -1.93
N LYS A 296 -26.83 41.07 -2.11
CA LYS A 296 -26.89 41.92 -3.28
C LYS A 296 -26.66 41.14 -4.61
N ILE A 297 -25.84 40.09 -4.58
CA ILE A 297 -25.61 39.26 -5.75
C ILE A 297 -26.84 38.36 -5.97
N VAL A 298 -27.34 37.81 -4.87
CA VAL A 298 -28.50 36.95 -4.94
C VAL A 298 -29.67 37.67 -5.61
N THR A 299 -29.86 38.93 -5.26
CA THR A 299 -30.97 39.69 -5.85
C THR A 299 -30.66 40.26 -7.21
N ARG A 300 -29.59 41.04 -7.31
CA ARG A 300 -29.32 41.72 -8.56
C ARG A 300 -28.87 40.85 -9.71
N ALA A 301 -27.98 39.90 -9.47
CA ALA A 301 -27.53 39.06 -10.55
C ALA A 301 -28.50 37.89 -10.80
N TYR A 302 -29.11 37.34 -9.74
CA TYR A 302 -29.81 36.06 -9.83
C TYR A 302 -31.30 36.08 -9.55
N GLU A 303 -31.86 37.23 -9.23
CA GLU A 303 -33.30 37.31 -8.95
C GLU A 303 -33.80 36.21 -8.00
N ASN A 304 -33.01 35.96 -6.97
CA ASN A 304 -33.31 34.96 -5.96
C ASN A 304 -33.40 33.52 -6.44
N MSE A 305 -32.63 33.24 -7.50
CA MSE A 305 -32.50 31.90 -8.05
C MSE A 305 -31.28 31.17 -7.51
O MSE A 305 -30.99 30.04 -7.93
CB MSE A 305 -32.50 31.96 -9.57
CG MSE A 305 -33.81 32.39 -10.13
SE MSE A 305 -33.67 32.22 -12.11
CE MSE A 305 -33.00 34.08 -12.63
N VAL A 306 -30.60 31.79 -6.53
CA VAL A 306 -29.51 31.15 -5.78
C VAL A 306 -29.66 31.51 -4.30
N THR A 307 -28.95 30.76 -3.45
CA THR A 307 -28.82 31.15 -2.05
C THR A 307 -27.36 31.49 -1.72
N ALA A 308 -27.19 32.42 -0.80
CA ALA A 308 -25.88 32.71 -0.25
C ALA A 308 -25.28 31.51 0.46
N ALA A 309 -23.96 31.42 0.43
CA ALA A 309 -23.24 30.28 1.03
C ALA A 309 -23.05 30.47 2.51
N ASN A 310 -23.00 29.36 3.26
CA ASN A 310 -22.47 29.43 4.61
C ASN A 310 -20.99 29.78 4.48
N PRO A 311 -20.40 30.34 5.54
CA PRO A 311 -19.04 30.85 5.42
C PRO A 311 -17.97 29.85 4.98
N ALA A 312 -18.15 28.58 5.31
CA ALA A 312 -17.22 27.54 4.89
C ALA A 312 -17.42 27.11 3.43
N GLY A 313 -18.54 27.52 2.83
CA GLY A 313 -18.83 27.16 1.43
C GLY A 313 -19.27 25.73 1.20
N ILE A 314 -19.64 25.03 2.25
CA ILE A 314 -20.04 23.61 2.13
C ILE A 314 -21.43 23.53 1.53
N LEU A 315 -21.56 22.77 0.43
CA LEU A 315 -22.85 22.64 -0.21
C LEU A 315 -23.91 22.03 0.68
N PRO A 316 -25.14 22.53 0.55
CA PRO A 316 -26.18 22.11 1.48
C PRO A 316 -26.87 20.88 0.98
N LEU A 317 -26.10 19.81 0.93
CA LEU A 317 -26.65 18.51 0.60
C LEU A 317 -26.23 17.49 1.65
N PRO A 318 -27.08 16.47 1.83
CA PRO A 318 -26.92 15.58 2.96
C PRO A 318 -25.56 14.92 3.15
N GLY A 319 -24.95 14.51 2.06
CA GLY A 319 -23.65 13.85 2.10
C GLY A 319 -22.52 14.76 2.56
N TYR A 320 -22.76 16.06 2.56
CA TYR A 320 -21.75 17.04 3.00
C TYR A 320 -22.16 17.56 4.38
N MSE A 321 -23.45 17.88 4.54
CA MSE A 321 -23.93 18.48 5.79
C MSE A 321 -23.89 17.57 7.02
O MSE A 321 -23.90 18.06 8.17
CB MSE A 321 -25.31 19.08 5.60
CG MSE A 321 -25.32 20.23 4.59
SE MSE A 321 -24.20 21.88 5.13
CE MSE A 321 -25.17 22.27 6.83
N LYS A 322 -23.83 16.26 6.83
CA LYS A 322 -23.64 15.37 7.95
C LYS A 322 -22.27 15.57 8.61
N TYR A 323 -21.39 16.36 7.98
CA TYR A 323 -20.07 16.71 8.52
C TYR A 323 -19.91 18.20 8.81
N TYR A 324 -20.99 18.96 8.73
CA TYR A 324 -20.92 20.43 8.90
C TYR A 324 -20.38 20.78 10.29
N PRO A 325 -19.31 21.57 10.37
CA PRO A 325 -18.65 21.99 11.62
C PRO A 325 -19.28 23.25 12.21
N LYS A 326 -20.47 23.10 12.81
CA LYS A 326 -21.24 24.26 13.26
C LYS A 326 -20.50 25.08 14.29
N GLU A 327 -19.82 24.42 15.23
CA GLU A 327 -19.11 25.19 16.29
C GLU A 327 -17.94 25.97 15.67
N VAL A 328 -17.26 25.39 14.70
CA VAL A 328 -16.16 26.12 14.02
C VAL A 328 -16.72 27.34 13.27
N VAL A 329 -17.83 27.15 12.59
CA VAL A 329 -18.35 28.26 11.79
C VAL A 329 -18.85 29.34 12.73
N ASP A 330 -19.49 28.92 13.82
CA ASP A 330 -19.97 29.88 14.78
C ASP A 330 -18.81 30.71 15.30
N LYS A 331 -17.68 30.10 15.61
CA LYS A 331 -16.52 30.80 16.17
C LYS A 331 -15.71 31.61 15.17
N TYR A 332 -15.49 31.09 13.98
CA TYR A 332 -14.51 31.65 13.05
C TYR A 332 -15.11 32.20 11.78
N GLY A 333 -16.42 32.06 11.62
CA GLY A 333 -17.05 32.51 10.38
C GLY A 333 -17.06 34.02 10.19
N PHE A 334 -17.55 34.45 9.06
CA PHE A 334 -17.64 35.87 8.75
C PHE A 334 -19.05 36.07 8.26
N LYS A 335 -19.41 37.31 8.06
CA LYS A 335 -20.70 37.68 7.52
C LYS A 335 -20.57 39.08 7.00
N TYR A 336 -21.59 39.57 6.30
CA TYR A 336 -21.52 40.92 5.78
C TYR A 336 -21.56 41.90 6.95
N ASP A 337 -20.50 42.68 7.07
CA ASP A 337 -20.39 43.66 8.16
C ASP A 337 -19.31 44.66 7.79
N PRO A 338 -19.67 45.67 7.01
CA PRO A 338 -18.65 46.61 6.55
C PRO A 338 -17.91 47.34 7.66
N GLU A 339 -18.56 47.56 8.79
CA GLU A 339 -17.86 48.23 9.85
C GLU A 339 -16.74 47.37 10.41
N MSE A 340 -16.93 46.04 10.37
CA MSE A 340 -15.92 45.10 10.82
C MSE A 340 -14.76 45.15 9.85
O MSE A 340 -13.62 45.15 10.25
CB MSE A 340 -16.46 43.70 10.94
CG MSE A 340 -15.43 42.65 11.24
SE MSE A 340 -14.68 42.93 13.08
CE MSE A 340 -13.99 40.89 13.40
N ALA A 341 -15.09 45.17 8.55
CA ALA A 341 -14.09 45.29 7.50
C ALA A 341 -13.21 46.54 7.72
N LYS A 342 -13.85 47.68 7.93
CA LYS A 342 -13.10 48.92 8.16
C LYS A 342 -12.23 48.91 9.42
N LYS A 343 -12.76 48.31 10.47
CA LYS A 343 -12.01 48.15 11.69
C LYS A 343 -10.73 47.32 11.51
N ILE A 344 -10.87 46.20 10.80
CA ILE A 344 -9.72 45.35 10.47
C ILE A 344 -8.67 46.15 9.63
N LEU A 345 -9.13 46.86 8.60
CA LEU A 345 -8.25 47.62 7.75
C LEU A 345 -7.50 48.71 8.48
N ASP A 346 -8.18 49.38 9.40
CA ASP A 346 -7.56 50.39 10.26
C ASP A 346 -6.48 49.77 11.14
N GLU A 347 -6.79 48.65 11.78
CA GLU A 347 -5.81 47.94 12.63
C GLU A 347 -4.56 47.49 11.86
N LEU A 348 -4.76 47.11 10.60
CA LEU A 348 -3.71 46.68 9.68
C LEU A 348 -2.90 47.89 9.16
N GLY A 349 -3.38 49.09 9.41
CA GLY A 349 -2.71 50.29 8.95
C GLY A 349 -3.01 50.76 7.52
N PHE A 350 -4.05 50.23 6.90
CA PHE A 350 -4.48 50.62 5.55
C PHE A 350 -5.41 51.79 5.72
N LYS A 351 -4.84 52.99 5.58
CA LYS A 351 -5.57 54.22 5.74
C LYS A 351 -5.45 55.17 4.52
N ASP A 352 -6.50 55.95 4.31
CA ASP A 352 -6.55 56.93 3.23
C ASP A 352 -5.78 58.16 3.69
N VAL A 353 -4.50 58.20 3.35
CA VAL A 353 -3.65 59.34 3.73
C VAL A 353 -3.61 60.39 2.63
N ASN A 354 -3.64 59.97 1.37
CA ASN A 354 -3.68 60.87 0.24
C ASN A 354 -5.04 61.58 0.10
N LYS A 355 -6.01 61.23 0.94
CA LYS A 355 -7.36 61.79 0.93
C LYS A 355 -8.15 61.64 -0.40
N ASP A 356 -7.92 60.55 -1.14
CA ASP A 356 -8.63 60.28 -2.39
C ASP A 356 -9.78 59.26 -2.30
N GLY A 357 -10.20 58.93 -1.09
CA GLY A 357 -11.24 57.93 -0.89
C GLY A 357 -10.78 56.46 -0.89
N PHE A 358 -9.51 56.21 -1.24
CA PHE A 358 -8.96 54.85 -1.19
C PHE A 358 -7.86 54.75 -0.16
N ARG A 359 -7.85 53.63 0.54
CA ARG A 359 -6.83 53.38 1.55
C ARG A 359 -5.56 53.04 0.78
N GLU A 360 -4.46 53.62 1.24
CA GLU A 360 -3.13 53.21 0.84
C GLU A 360 -2.64 52.14 1.82
N ASP A 361 -1.54 51.49 1.48
CA ASP A 361 -0.89 50.54 2.38
C ASP A 361 -0.27 51.28 3.58
N PRO A 362 0.16 50.56 4.62
CA PRO A 362 0.70 51.23 5.78
C PRO A 362 1.96 52.06 5.52
N ASN A 363 2.62 51.87 4.39
CA ASN A 363 3.79 52.68 4.03
C ASN A 363 3.38 53.91 3.19
N GLY A 364 2.09 54.05 2.94
CA GLY A 364 1.52 55.18 2.23
C GLY A 364 1.45 54.98 0.74
N LYS A 365 1.73 53.77 0.28
CA LYS A 365 1.77 53.49 -1.14
C LYS A 365 0.39 53.08 -1.67
N PRO A 366 -0.10 53.82 -2.69
CA PRO A 366 -1.40 53.45 -3.26
C PRO A 366 -1.36 52.13 -3.98
N PHE A 367 -2.51 51.44 -4.05
CA PHE A 367 -2.62 50.23 -4.81
C PHE A 367 -4.06 50.10 -5.31
N LYS A 368 -4.19 49.34 -6.37
CA LYS A 368 -5.49 48.92 -6.87
C LYS A 368 -5.45 47.45 -7.27
N LEU A 369 -6.61 46.82 -7.25
CA LEU A 369 -6.76 45.40 -7.48
C LEU A 369 -7.77 45.22 -8.59
N THR A 370 -7.63 44.12 -9.33
CA THR A 370 -8.66 43.73 -10.26
C THR A 370 -9.44 42.55 -9.73
N ILE A 371 -10.70 42.48 -10.13
CA ILE A 371 -11.50 41.25 -10.02
C ILE A 371 -11.99 40.90 -11.41
N GLU A 372 -11.94 39.63 -11.80
CA GLU A 372 -12.23 39.25 -13.18
C GLU A 372 -13.17 38.07 -13.32
N CYS A 373 -13.92 38.11 -14.41
CA CYS A 373 -14.74 36.99 -14.86
C CYS A 373 -14.74 37.02 -16.39
N PRO A 374 -15.20 35.94 -17.06
CA PRO A 374 -15.22 35.98 -18.53
C PRO A 374 -16.19 36.97 -19.17
N TYR A 375 -15.75 37.57 -20.26
CA TYR A 375 -16.57 38.48 -21.06
C TYR A 375 -17.82 37.78 -21.55
N GLY A 376 -18.98 38.41 -21.37
CA GLY A 376 -20.25 37.89 -21.87
C GLY A 376 -20.96 36.94 -20.92
N TRP A 377 -20.32 36.58 -19.82
CA TRP A 377 -20.99 35.78 -18.79
C TRP A 377 -21.71 36.77 -17.87
N THR A 378 -22.89 37.20 -18.29
CA THR A 378 -23.55 38.38 -17.72
C THR A 378 -23.86 38.32 -16.23
N ASP A 379 -24.32 37.15 -15.76
CA ASP A 379 -24.61 36.99 -14.33
C ASP A 379 -23.33 37.16 -13.47
N TRP A 380 -22.20 36.64 -13.95
CA TRP A 380 -20.90 36.81 -13.29
C TRP A 380 -20.41 38.23 -13.38
N MSE A 381 -20.68 38.92 -14.51
CA MSE A 381 -20.32 40.31 -14.64
C MSE A 381 -21.05 41.18 -13.65
O MSE A 381 -20.41 42.01 -13.00
CB MSE A 381 -20.56 40.83 -16.06
CG MSE A 381 -19.68 40.15 -17.05
SE MSE A 381 -20.18 40.64 -18.96
CE MSE A 381 -19.45 42.58 -18.99
N VAL A 382 -22.37 40.99 -13.49
CA VAL A 382 -23.12 41.71 -12.48
C VAL A 382 -22.56 41.39 -11.11
N SER A 383 -22.26 40.11 -10.88
CA SER A 383 -21.78 39.69 -9.57
C SER A 383 -20.46 40.34 -9.21
N ILE A 384 -19.50 40.39 -10.14
CA ILE A 384 -18.20 41.01 -9.81
C ILE A 384 -18.28 42.55 -9.72
N GLN A 385 -19.22 43.15 -10.45
CA GLN A 385 -19.50 44.56 -10.33
C GLN A 385 -20.00 44.84 -8.91
N SER A 386 -20.89 43.98 -8.41
CA SER A 386 -21.42 44.10 -7.05
C SER A 386 -20.32 43.95 -5.98
N ILE A 387 -19.47 42.96 -6.19
CA ILE A 387 -18.31 42.74 -5.29
C ILE A 387 -17.38 43.96 -5.28
N ALA A 388 -17.04 44.45 -6.45
CA ALA A 388 -16.14 45.61 -6.59
C ALA A 388 -16.71 46.83 -5.90
N GLU A 389 -18.02 47.06 -6.02
CA GLU A 389 -18.69 48.15 -5.28
C GLU A 389 -18.57 48.05 -3.77
N ASP A 390 -18.80 46.85 -3.23
CA ASP A 390 -18.77 46.64 -1.80
C ASP A 390 -17.35 46.91 -1.25
N LEU A 391 -16.33 46.52 -2.01
CA LEU A 391 -14.93 46.71 -1.63
C LEU A 391 -14.54 48.18 -1.71
N VAL A 392 -14.94 48.84 -2.79
CA VAL A 392 -14.78 50.29 -2.88
C VAL A 392 -15.44 51.00 -1.68
N LYS A 393 -16.57 50.49 -1.21
CA LYS A 393 -17.23 51.09 -0.08
C LYS A 393 -16.46 51.00 1.23
N VAL A 394 -15.47 50.12 1.36
CA VAL A 394 -14.64 50.10 2.56
C VAL A 394 -13.25 50.62 2.22
N GLY A 395 -13.13 51.33 1.10
CA GLY A 395 -11.91 52.02 0.73
C GLY A 395 -10.84 51.22 0.01
N ILE A 396 -11.18 50.08 -0.60
CA ILE A 396 -10.25 49.29 -1.40
C ILE A 396 -10.54 49.51 -2.88
N ASN A 397 -9.52 49.98 -3.62
CA ASN A 397 -9.64 50.31 -5.02
C ASN A 397 -9.63 49.06 -5.87
N VAL A 398 -10.82 48.58 -6.18
CA VAL A 398 -11.02 47.38 -6.98
C VAL A 398 -11.79 47.70 -8.27
N GLU A 399 -11.29 47.20 -9.39
CA GLU A 399 -11.93 47.38 -10.68
C GLU A 399 -12.26 46.04 -11.33
N PRO A 400 -13.50 45.87 -11.78
CA PRO A 400 -13.91 44.68 -12.50
C PRO A 400 -13.30 44.67 -13.90
N LYS A 401 -12.92 43.49 -14.34
CA LYS A 401 -12.38 43.29 -15.68
C LYS A 401 -13.06 42.10 -16.27
N TYR A 402 -13.25 42.12 -17.59
CA TYR A 402 -14.00 41.08 -18.27
C TYR A 402 -13.23 40.52 -19.46
N PRO A 403 -12.11 39.83 -19.18
CA PRO A 403 -11.32 39.25 -20.26
C PRO A 403 -12.11 38.23 -21.09
N ASP A 404 -11.76 38.12 -22.36
CA ASP A 404 -12.26 36.99 -23.15
C ASP A 404 -11.90 35.69 -22.45
N TYR A 405 -12.72 34.68 -22.63
CA TYR A 405 -12.52 33.42 -21.96
C TYR A 405 -11.09 32.86 -21.98
N SER A 406 -10.40 32.93 -23.12
CA SER A 406 -9.08 32.30 -23.17
C SER A 406 -8.08 33.00 -22.27
N LYS A 407 -8.22 34.32 -22.14
CA LYS A 407 -7.37 35.12 -21.24
C LYS A 407 -7.76 34.87 -19.77
N TYR A 408 -9.06 34.84 -19.48
CA TYR A 408 -9.55 34.42 -18.14
C TYR A 408 -8.96 33.07 -17.74
N ALA A 409 -9.00 32.09 -18.63
CA ALA A 409 -8.53 30.76 -18.32
C ALA A 409 -7.03 30.76 -18.12
N ASP A 410 -6.31 31.53 -18.93
CA ASP A 410 -4.87 31.62 -18.71
C ASP A 410 -4.58 32.28 -17.33
N ASP A 411 -5.36 33.32 -16.99
CA ASP A 411 -5.19 34.01 -15.70
C ASP A 411 -5.48 33.03 -14.57
N LEU A 412 -6.59 32.31 -14.69
CA LEU A 412 -7.04 31.38 -13.64
C LEU A 412 -6.03 30.26 -13.40
N TYR A 413 -5.70 29.54 -14.48
CA TYR A 413 -4.91 28.34 -14.35
C TYR A 413 -3.43 28.71 -14.12
N GLY A 414 -3.00 29.83 -14.68
CA GLY A 414 -1.65 30.30 -14.51
C GLY A 414 -1.36 31.03 -13.20
N GLY A 415 -2.42 31.43 -12.51
CA GLY A 415 -2.35 32.18 -11.26
C GLY A 415 -2.06 33.66 -11.44
N LYS A 416 -2.21 34.20 -12.64
CA LYS A 416 -1.91 35.63 -12.85
C LYS A 416 -3.19 36.48 -12.75
N PHE A 417 -3.62 36.68 -11.53
CA PHE A 417 -4.81 37.50 -11.23
C PHE A 417 -4.58 38.11 -9.86
N ASP A 418 -5.46 39.02 -9.44
CA ASP A 418 -5.55 39.51 -8.05
C ASP A 418 -6.71 38.75 -7.37
N LEU A 419 -7.93 39.05 -7.82
CA LEU A 419 -9.17 38.37 -7.40
C LEU A 419 -9.83 37.78 -8.62
N ILE A 420 -10.36 36.57 -8.48
CA ILE A 420 -11.03 35.92 -9.58
C ILE A 420 -12.23 35.10 -9.15
N LEU A 421 -13.33 35.29 -9.86
CA LEU A 421 -14.55 34.55 -9.60
C LEU A 421 -14.46 33.25 -10.33
N ASN A 422 -14.70 32.16 -9.63
CA ASN A 422 -14.69 30.83 -10.18
C ASN A 422 -15.48 29.81 -9.38
N ASN A 423 -15.92 28.75 -10.05
CA ASN A 423 -16.70 27.67 -9.42
C ASN A 423 -16.44 26.31 -10.06
N PHE A 424 -15.32 26.18 -10.74
CA PHE A 424 -15.09 24.98 -11.54
C PHE A 424 -14.77 23.72 -10.76
N THR A 425 -14.21 23.86 -9.56
CA THR A 425 -13.72 22.69 -8.85
C THR A 425 -14.55 22.38 -7.61
N THR A 426 -15.59 23.17 -7.40
CA THR A 426 -16.40 23.10 -6.20
C THR A 426 -17.82 22.55 -6.42
N GLY A 427 -17.97 21.76 -7.48
CA GLY A 427 -19.23 21.17 -7.84
C GLY A 427 -19.65 20.02 -6.96
N VAL A 428 -20.94 19.73 -6.96
CA VAL A 428 -21.52 18.58 -6.35
C VAL A 428 -20.75 17.29 -6.72
N SER A 429 -20.50 16.44 -5.74
CA SER A 429 -19.81 15.18 -6.01
C SER A 429 -20.18 14.12 -4.99
N ALA A 430 -19.51 12.96 -5.06
CA ALA A 430 -19.76 11.88 -4.10
C ALA A 430 -18.96 12.03 -2.80
N THR A 431 -18.21 13.13 -2.62
CA THR A 431 -17.47 13.29 -1.40
C THR A 431 -17.06 14.75 -1.11
N ILE A 432 -17.20 15.12 0.14
CA ILE A 432 -16.73 16.45 0.57
C ILE A 432 -15.25 16.69 0.35
N TRP A 433 -14.46 15.63 0.26
CA TRP A 433 -13.05 15.79 -0.07
C TRP A 433 -12.84 16.59 -1.35
N SER A 434 -13.72 16.41 -2.36
CA SER A 434 -13.50 17.09 -3.65
C SER A 434 -13.62 18.61 -3.53
N TYR A 435 -14.47 19.06 -2.59
CA TYR A 435 -14.65 20.50 -2.32
C TYR A 435 -13.39 21.07 -1.67
N PHE A 436 -12.92 20.39 -0.63
CA PHE A 436 -11.70 20.88 0.04
C PHE A 436 -10.47 20.80 -0.88
N ASN A 437 -10.41 19.74 -1.71
CA ASN A 437 -9.31 19.59 -2.66
C ASN A 437 -9.39 20.71 -3.70
N GLY A 438 -10.59 21.07 -4.13
CA GLY A 438 -10.75 22.12 -5.16
C GLY A 438 -10.42 23.51 -4.63
N VAL A 439 -10.62 23.71 -3.33
CA VAL A 439 -10.28 24.97 -2.69
C VAL A 439 -8.78 25.07 -2.39
N PHE A 440 -8.24 24.00 -1.81
CA PHE A 440 -6.85 23.92 -1.34
C PHE A 440 -5.75 23.20 -2.19
N TYR A 441 -6.10 22.44 -3.27
CA TYR A 441 -5.16 21.66 -4.21
C TYR A 441 -3.66 21.97 -4.04
N PRO A 442 -3.00 21.28 -3.10
CA PRO A 442 -1.63 21.62 -2.75
C PRO A 442 -0.60 21.67 -3.88
N ASP A 443 -0.75 20.81 -4.90
CA ASP A 443 0.18 20.78 -6.01
C ASP A 443 0.15 22.02 -6.90
N ALA A 444 -0.89 22.83 -6.77
CA ALA A 444 -0.95 24.11 -7.45
C ALA A 444 0.25 25.00 -7.15
N VAL A 445 0.81 24.88 -5.96
CA VAL A 445 1.84 25.79 -5.51
C VAL A 445 3.14 25.56 -6.29
N GLU A 446 3.36 24.31 -6.67
CA GLU A 446 4.56 23.89 -7.37
C GLU A 446 4.45 23.81 -8.89
N SER A 447 3.24 23.83 -9.47
CA SER A 447 3.11 23.79 -10.93
C SER A 447 2.92 25.18 -11.53
N GLU A 448 3.41 25.39 -12.74
CA GLU A 448 3.12 26.64 -13.43
C GLU A 448 1.61 26.84 -13.62
N TYR A 449 0.96 25.81 -14.14
CA TYR A 449 -0.48 25.81 -14.40
C TYR A 449 -1.17 24.78 -13.50
N SER A 450 -2.27 25.17 -12.84
CA SER A 450 -3.09 24.26 -12.04
C SER A 450 -4.48 24.26 -12.66
N TYR A 451 -5.01 23.08 -12.88
CA TYR A 451 -6.37 22.95 -13.40
C TYR A 451 -7.32 22.38 -12.38
N SER A 452 -6.83 22.06 -11.17
CA SER A 452 -7.62 21.29 -10.21
C SER A 452 -8.01 22.05 -8.94
N GLY A 453 -7.62 23.31 -8.86
CA GLY A 453 -7.98 24.16 -7.74
C GLY A 453 -6.82 24.92 -7.17
N ASN A 454 -7.10 25.58 -6.05
CA ASN A 454 -6.14 26.41 -5.35
C ASN A 454 -5.43 27.31 -6.32
N PHE A 455 -6.20 28.03 -7.14
CA PHE A 455 -5.62 28.77 -8.26
C PHE A 455 -4.72 29.93 -7.83
N GLY A 456 -4.94 30.44 -6.64
CA GLY A 456 -4.12 31.49 -6.04
C GLY A 456 -2.85 30.99 -5.37
N LYS A 457 -2.64 29.68 -5.39
CA LYS A 457 -1.40 29.04 -4.96
C LYS A 457 -1.08 29.29 -3.47
N TYR A 458 -2.08 28.99 -2.66
CA TYR A 458 -1.94 28.99 -1.20
C TYR A 458 -1.22 27.74 -0.74
N ALA A 459 -0.25 27.92 0.15
CA ALA A 459 0.57 26.85 0.69
C ALA A 459 0.38 26.74 2.20
N ASN A 460 0.10 25.53 2.66
CA ASN A 460 0.00 25.27 4.08
C ASN A 460 0.21 23.80 4.34
N PRO A 461 1.32 23.44 4.98
CA PRO A 461 1.54 21.99 5.17
C PRO A 461 0.48 21.25 5.96
N GLU A 462 -0.14 21.92 6.93
CA GLU A 462 -1.18 21.31 7.73
C GLU A 462 -2.37 20.95 6.86
N VAL A 463 -2.66 21.81 5.88
CA VAL A 463 -3.76 21.53 4.94
C VAL A 463 -3.48 20.27 4.11
N GLU A 464 -2.28 20.15 3.58
CA GLU A 464 -1.94 18.95 2.85
C GLU A 464 -2.06 17.70 3.71
N THR A 465 -1.55 17.74 4.94
CA THR A 465 -1.72 16.62 5.86
C THR A 465 -3.17 16.22 6.12
N LEU A 466 -3.99 17.24 6.37
CA LEU A 466 -5.41 17.06 6.62
C LEU A 466 -6.20 16.57 5.44
N LEU A 467 -5.92 17.13 4.25
CA LEU A 467 -6.63 16.66 3.06
C LEU A 467 -6.34 15.18 2.78
N ASP A 468 -5.10 14.80 2.98
CA ASP A 468 -4.70 13.39 2.87
C ASP A 468 -5.34 12.51 3.90
N GLU A 469 -5.46 12.97 5.15
CA GLU A 469 -6.15 12.22 6.20
C GLU A 469 -7.64 12.03 5.90
N LEU A 470 -8.26 13.08 5.36
CA LEU A 470 -9.63 12.99 4.88
C LEU A 470 -9.73 11.95 3.79
N ASN A 471 -8.89 12.04 2.77
CA ASN A 471 -8.97 11.11 1.62
C ASN A 471 -8.85 9.66 2.10
N ARG A 472 -7.96 9.46 3.08
CA ARG A 472 -7.59 8.13 3.58
C ARG A 472 -8.42 7.58 4.72
N SER A 473 -9.49 8.28 5.06
CA SER A 473 -10.45 7.81 6.02
C SER A 473 -11.78 7.38 5.39
N ASN A 474 -12.36 6.33 5.96
CA ASN A 474 -13.68 5.81 5.62
C ASN A 474 -14.56 5.79 6.87
N ASP A 475 -14.20 6.59 7.86
CA ASP A 475 -14.83 6.58 9.18
C ASP A 475 -15.46 7.92 9.44
N ASP A 476 -16.79 7.95 9.62
CA ASP A 476 -17.52 9.21 9.68
C ASP A 476 -17.05 10.11 10.85
N ALA A 477 -16.70 9.49 11.97
CA ALA A 477 -16.27 10.26 13.14
C ALA A 477 -14.96 11.02 12.87
N LYS A 478 -14.03 10.34 12.21
CA LYS A 478 -12.74 10.90 11.87
C LYS A 478 -12.92 11.95 10.78
N ILE A 479 -13.80 11.64 9.81
CA ILE A 479 -14.05 12.56 8.72
C ILE A 479 -14.59 13.87 9.28
N LYS A 480 -15.51 13.76 10.24
CA LYS A 480 -16.11 14.97 10.85
C LYS A 480 -15.04 15.82 11.54
N GLU A 481 -14.14 15.19 12.27
CA GLU A 481 -13.04 15.88 12.88
C GLU A 481 -12.14 16.58 11.89
N VAL A 482 -11.78 15.87 10.82
CA VAL A 482 -10.87 16.44 9.82
C VAL A 482 -11.52 17.62 9.10
N VAL A 483 -12.81 17.47 8.78
CA VAL A 483 -13.54 18.51 8.08
C VAL A 483 -13.59 19.76 8.98
N ALA A 484 -13.78 19.59 10.29
CA ALA A 484 -13.75 20.75 11.17
C ALA A 484 -12.43 21.54 11.16
N LYS A 485 -11.31 20.82 11.12
CA LYS A 485 -9.99 21.45 11.10
C LYS A 485 -9.72 22.13 9.76
N LEU A 486 -10.09 21.46 8.67
CA LEU A 486 -9.99 22.08 7.35
C LEU A 486 -10.80 23.36 7.22
N SER A 487 -12.02 23.30 7.73
CA SER A 487 -12.92 24.44 7.70
C SER A 487 -12.36 25.60 8.56
N GLU A 488 -11.80 25.27 9.71
CA GLU A 488 -11.19 26.26 10.56
C GLU A 488 -10.06 27.01 9.84
N ILE A 489 -9.19 26.29 9.10
CA ILE A 489 -8.10 26.88 8.37
C ILE A 489 -8.66 27.72 7.22
N LEU A 490 -9.67 27.23 6.53
CA LEU A 490 -10.26 27.98 5.42
C LEU A 490 -10.82 29.31 5.92
N LEU A 491 -11.51 29.27 7.06
CA LEU A 491 -12.11 30.49 7.62
C LEU A 491 -11.08 31.48 8.18
N LYS A 492 -10.00 30.98 8.73
CA LYS A 492 -9.00 31.87 9.30
C LYS A 492 -8.14 32.49 8.22
N ASP A 493 -7.83 31.73 7.16
CA ASP A 493 -6.91 32.21 6.14
C ASP A 493 -7.53 32.64 4.83
N LEU A 494 -8.77 32.21 4.56
CA LEU A 494 -9.51 32.58 3.33
C LEU A 494 -8.68 32.82 2.05
N PRO A 495 -8.03 31.79 1.53
CA PRO A 495 -7.47 31.91 0.19
C PRO A 495 -8.56 31.89 -0.92
N PHE A 496 -9.75 31.49 -0.53
CA PHE A 496 -10.98 31.44 -1.31
C PHE A 496 -12.07 31.95 -0.43
N ILE A 497 -12.86 32.89 -0.92
CA ILE A 497 -14.00 33.38 -0.17
C ILE A 497 -15.29 32.86 -0.79
N PRO A 498 -15.95 31.91 -0.10
CA PRO A 498 -17.21 31.39 -0.61
C PRO A 498 -18.30 32.45 -0.58
N LEU A 499 -19.06 32.60 -1.68
CA LEU A 499 -20.11 33.61 -1.72
C LEU A 499 -21.55 33.12 -1.89
N TRP A 500 -21.78 32.26 -2.87
CA TRP A 500 -23.11 31.71 -3.11
C TRP A 500 -22.99 30.35 -3.76
N TYR A 501 -24.10 29.63 -3.79
CA TYR A 501 -24.13 28.36 -4.48
C TYR A 501 -24.72 28.60 -5.85
N ASN A 502 -23.91 28.48 -6.90
CA ASN A 502 -24.45 28.73 -8.21
C ASN A 502 -25.48 27.64 -8.55
N GLY A 503 -26.50 28.02 -9.29
CA GLY A 503 -27.61 27.08 -9.54
C GLY A 503 -27.33 25.90 -10.47
N ALA A 504 -28.01 24.80 -10.16
CA ALA A 504 -28.16 23.66 -11.05
C ALA A 504 -29.38 24.03 -11.91
N TRP A 505 -29.12 24.78 -12.99
CA TRP A 505 -30.21 25.46 -13.73
C TRP A 505 -31.06 24.42 -14.37
N PHE A 506 -32.37 24.49 -14.11
CA PHE A 506 -33.34 23.57 -14.64
C PHE A 506 -34.69 24.24 -14.76
N GLN A 507 -35.22 24.23 -15.98
CA GLN A 507 -36.59 24.59 -16.25
C GLN A 507 -37.12 23.63 -17.26
N ALA A 508 -38.43 23.39 -17.25
CA ALA A 508 -39.06 22.51 -18.23
C ALA A 508 -40.40 23.01 -18.66
N SER A 509 -40.71 22.73 -19.91
CA SER A 509 -42.03 22.91 -20.44
C SER A 509 -42.83 21.61 -20.31
N GLU A 510 -44.13 21.73 -20.01
CA GLU A 510 -45.02 20.57 -20.00
C GLU A 510 -45.94 20.51 -21.21
N ALA A 511 -45.54 21.21 -22.28
CA ALA A 511 -46.32 21.18 -23.53
C ALA A 511 -46.47 19.75 -24.05
N VAL A 512 -45.42 18.95 -23.89
CA VAL A 512 -45.37 17.62 -24.46
C VAL A 512 -45.04 16.60 -23.37
N TRP A 513 -44.01 16.88 -22.56
CA TRP A 513 -43.56 15.96 -21.53
C TRP A 513 -43.96 16.47 -20.17
N THR A 514 -44.39 15.55 -19.33
CA THR A 514 -44.74 15.89 -17.99
C THR A 514 -44.10 14.90 -17.00
N ASN A 515 -44.43 15.02 -15.74
CA ASN A 515 -43.87 14.20 -14.66
C ASN A 515 -42.36 14.40 -14.48
N TRP A 516 -41.93 15.64 -14.61
CA TRP A 516 -40.57 16.03 -14.28
C TRP A 516 -40.27 15.87 -12.81
N PRO A 517 -39.02 15.58 -12.48
CA PRO A 517 -38.63 15.60 -11.06
C PRO A 517 -38.62 17.01 -10.46
N THR A 518 -39.13 17.13 -9.24
CA THR A 518 -39.21 18.37 -8.51
C THR A 518 -39.08 18.05 -7.03
N GLU A 519 -39.02 19.08 -6.18
CA GLU A 519 -38.96 18.90 -4.72
C GLU A 519 -40.11 18.00 -4.23
N LYS A 520 -41.28 18.10 -4.85
CA LYS A 520 -42.42 17.29 -4.47
C LYS A 520 -42.47 15.89 -5.08
N ASN A 521 -41.66 15.63 -6.12
CA ASN A 521 -41.47 14.29 -6.71
C ASN A 521 -39.98 14.10 -7.09
N PRO A 522 -39.12 13.98 -6.07
CA PRO A 522 -37.68 14.14 -6.29
C PRO A 522 -36.96 12.87 -6.65
N TYR A 523 -37.32 12.31 -7.80
CA TYR A 523 -36.83 11.00 -8.22
C TYR A 523 -35.52 10.99 -9.02
N ALA A 524 -35.03 12.17 -9.37
CA ALA A 524 -33.81 12.33 -10.16
C ALA A 524 -33.38 13.79 -10.04
N VAL A 525 -32.12 14.04 -10.38
CA VAL A 525 -31.57 15.38 -10.52
C VAL A 525 -31.61 15.74 -12.00
N PRO A 526 -32.46 16.69 -12.38
CA PRO A 526 -32.68 16.89 -13.81
C PRO A 526 -31.68 17.81 -14.51
N ILE A 527 -30.44 17.35 -14.58
CA ILE A 527 -29.34 18.12 -15.08
C ILE A 527 -28.54 17.21 -16.00
N GLY A 528 -28.35 17.66 -17.23
CA GLY A 528 -27.61 16.87 -18.22
C GLY A 528 -26.29 17.44 -18.64
N TRP A 529 -25.76 18.39 -17.87
CA TRP A 529 -24.41 18.81 -18.09
C TRP A 529 -23.47 17.62 -17.88
N ASN A 530 -22.34 17.67 -18.56
CA ASN A 530 -21.32 16.65 -18.32
C ASN A 530 -20.96 16.61 -16.88
N GLY A 531 -20.90 15.40 -16.33
CA GLY A 531 -20.59 15.12 -14.93
C GLY A 531 -21.86 14.82 -14.14
N TRP A 532 -23.01 15.18 -14.69
CA TRP A 532 -24.27 15.11 -13.96
C TRP A 532 -25.16 13.90 -14.27
N TRP A 533 -24.98 13.28 -15.41
CA TRP A 533 -25.72 12.04 -15.76
C TRP A 533 -25.52 11.01 -14.61
N GLN A 534 -24.28 10.90 -14.16
CA GLN A 534 -23.87 9.97 -13.11
C GLN A 534 -24.24 10.40 -11.68
N LEU A 535 -24.75 11.63 -11.59
CA LEU A 535 -25.34 12.15 -10.35
C LEU A 535 -26.89 12.04 -10.35
N THR A 536 -27.37 11.08 -11.12
CA THR A 536 -28.78 10.72 -11.34
C THR A 536 -29.50 11.53 -12.43
N GLY A 537 -28.78 12.38 -13.20
CA GLY A 537 -29.44 13.04 -14.32
C GLY A 537 -30.11 11.99 -15.24
N ILE A 538 -29.49 10.84 -15.41
CA ILE A 538 -30.01 9.76 -16.29
C ILE A 538 -31.41 9.31 -15.90
N LYS A 539 -31.70 9.37 -14.61
CA LYS A 539 -33.02 8.86 -14.14
C LYS A 539 -34.21 9.75 -14.51
N THR A 540 -33.92 10.98 -14.91
CA THR A 540 -34.91 11.90 -15.44
C THR A 540 -35.66 11.21 -16.57
N LEU A 541 -34.92 10.48 -17.39
CA LEU A 541 -35.44 9.92 -18.63
C LEU A 541 -36.36 8.74 -18.42
N PHE A 542 -36.39 8.20 -17.21
CA PHE A 542 -37.21 7.02 -16.94
C PHE A 542 -38.54 7.45 -16.33
N GLY A 543 -38.60 8.67 -15.81
CA GLY A 543 -39.79 9.13 -15.11
C GLY A 543 -40.71 10.04 -15.91
N ILE A 544 -40.16 10.77 -16.89
CA ILE A 544 -41.00 11.72 -17.62
C ILE A 544 -42.00 10.95 -18.42
N GLU A 545 -43.12 11.58 -18.77
CA GLU A 545 -44.08 10.93 -19.67
C GLU A 545 -44.70 11.88 -20.68
N ALA A 546 -44.91 11.40 -21.88
CA ALA A 546 -45.52 12.26 -22.90
C ALA A 546 -47.04 12.34 -22.72
N LYS A 547 -47.56 13.56 -22.83
CA LYS A 547 -49.00 13.81 -22.82
C LYS A 547 -49.67 13.10 -24.00
N HIS B 12 37.78 -38.97 -10.12
CA HIS B 12 37.94 -37.65 -9.42
C HIS B 12 39.38 -37.49 -8.91
N GLU B 13 40.19 -36.77 -9.67
CA GLU B 13 41.52 -36.36 -9.22
C GLU B 13 41.45 -35.72 -7.82
N ARG B 14 42.21 -36.28 -6.88
CA ARG B 14 42.10 -35.90 -5.49
C ARG B 14 42.28 -34.42 -5.26
N ASN B 15 43.32 -33.84 -5.85
CA ASN B 15 43.59 -32.42 -5.64
C ASN B 15 42.74 -31.46 -6.46
N LYS B 16 41.76 -31.99 -7.19
CA LYS B 16 40.73 -31.17 -7.84
C LYS B 16 39.33 -31.40 -7.22
N THR B 17 39.27 -32.25 -6.19
CA THR B 17 38.01 -32.64 -5.61
C THR B 17 37.96 -32.21 -4.14
N LEU B 18 36.83 -31.63 -3.72
CA LEU B 18 36.59 -31.20 -2.33
C LEU B 18 35.54 -32.11 -1.72
N TYR B 19 35.90 -32.82 -0.65
CA TYR B 19 35.01 -33.69 0.10
C TYR B 19 34.46 -32.92 1.30
N TRP B 20 33.13 -32.81 1.35
CA TRP B 20 32.39 -31.93 2.30
C TRP B 20 31.27 -32.74 2.93
N GLY B 21 31.12 -32.62 4.23
CA GLY B 21 29.99 -33.20 4.93
C GLY B 21 29.48 -32.27 6.03
N GLY B 22 28.30 -32.57 6.52
CA GLY B 22 27.70 -31.83 7.61
C GLY B 22 26.27 -31.44 7.34
N ALA B 23 25.84 -31.57 6.09
CA ALA B 23 24.48 -31.16 5.71
C ALA B 23 23.65 -32.23 5.02
N LEU B 24 24.19 -33.43 4.81
CA LEU B 24 23.45 -34.48 4.09
C LEU B 24 23.09 -35.65 5.00
N TRP B 25 21.82 -35.72 5.37
CA TRP B 25 21.39 -36.66 6.42
C TRP B 25 20.44 -37.73 5.92
N SER B 26 20.11 -37.69 4.66
CA SER B 26 19.28 -38.73 4.09
C SER B 26 19.71 -38.89 2.67
N PRO B 27 19.30 -39.98 2.03
CA PRO B 27 19.74 -40.22 0.67
C PRO B 27 19.30 -39.05 -0.21
N PRO B 28 20.19 -38.54 -1.08
CA PRO B 28 19.84 -37.44 -1.99
C PRO B 28 18.72 -37.78 -2.93
N SER B 29 17.63 -37.00 -2.92
CA SER B 29 16.46 -37.32 -3.72
C SER B 29 15.63 -36.15 -4.19
N ASN B 30 15.99 -34.94 -3.80
CA ASN B 30 15.21 -33.78 -4.14
C ASN B 30 16.19 -32.60 -4.27
N TRP B 31 16.04 -31.85 -5.36
CA TRP B 31 16.81 -30.62 -5.66
C TRP B 31 15.85 -29.48 -6.09
N ASN B 32 14.68 -29.45 -5.46
CA ASN B 32 13.65 -28.49 -5.84
C ASN B 32 13.89 -27.14 -5.13
N PRO B 33 14.11 -26.05 -5.88
CA PRO B 33 14.40 -24.77 -5.23
C PRO B 33 13.18 -24.14 -4.53
N PHE B 34 11.97 -24.65 -4.80
CA PHE B 34 10.78 -24.18 -4.13
C PHE B 34 10.62 -24.83 -2.78
N THR B 35 11.39 -25.90 -2.53
CA THR B 35 11.30 -26.56 -1.23
C THR B 35 12.70 -26.86 -0.69
N PRO B 36 13.47 -25.79 -0.42
CA PRO B 36 14.86 -25.99 0.00
C PRO B 36 15.05 -26.76 1.31
N TRP B 37 14.04 -26.73 2.16
CA TRP B 37 14.06 -27.52 3.39
C TRP B 37 14.11 -29.03 3.15
N ASN B 38 13.74 -29.48 1.96
CA ASN B 38 13.80 -30.89 1.53
C ASN B 38 14.88 -31.22 0.52
N ALA B 39 15.57 -30.20 0.02
CA ALA B 39 16.46 -30.37 -1.07
C ALA B 39 17.85 -30.62 -0.51
N VAL B 40 18.68 -31.29 -1.29
CA VAL B 40 20.08 -31.53 -0.97
C VAL B 40 20.78 -30.17 -0.69
N ALA B 41 21.48 -30.07 0.44
CA ALA B 41 22.14 -28.82 0.77
C ALA B 41 23.11 -28.42 -0.32
N GLY B 42 23.05 -27.14 -0.66
CA GLY B 42 23.78 -26.61 -1.79
C GLY B 42 22.92 -26.34 -3.02
N THR B 43 21.80 -27.03 -3.15
CA THR B 43 20.83 -26.71 -4.22
C THR B 43 20.61 -25.20 -4.27
N ILE B 44 20.39 -24.57 -3.12
CA ILE B 44 20.42 -23.10 -3.02
C ILE B 44 21.85 -22.65 -2.67
N GLY B 45 22.51 -22.01 -3.64
CA GLY B 45 23.88 -21.56 -3.50
C GLY B 45 24.78 -22.06 -4.60
N LEU B 46 24.89 -23.39 -4.69
CA LEU B 46 25.73 -23.98 -5.73
C LEU B 46 24.99 -23.98 -7.09
N VAL B 47 23.69 -24.28 -7.09
CA VAL B 47 22.92 -24.46 -8.33
C VAL B 47 21.99 -23.27 -8.55
N TYR B 48 21.12 -22.95 -7.56
CA TYR B 48 20.25 -21.79 -7.70
C TYR B 48 20.80 -20.62 -6.88
N GLU B 49 20.70 -19.44 -7.45
CA GLU B 49 21.32 -18.24 -6.91
C GLU B 49 20.33 -17.13 -6.50
N PRO B 50 20.75 -16.30 -5.53
CA PRO B 50 19.96 -15.16 -5.06
C PRO B 50 20.41 -13.84 -5.69
N LEU B 51 19.55 -12.86 -5.58
CA LEU B 51 19.85 -11.50 -6.00
C LEU B 51 21.03 -10.86 -5.25
N PHE B 52 21.12 -11.12 -3.95
CA PHE B 52 22.16 -10.54 -3.06
C PHE B 52 22.65 -11.62 -2.11
N LEU B 53 23.90 -11.47 -1.63
CA LEU B 53 24.38 -12.15 -0.42
C LEU B 53 24.28 -11.15 0.72
N TYR B 54 24.22 -11.67 1.94
CA TYR B 54 24.45 -10.82 3.13
C TYR B 54 25.68 -11.33 3.85
N ASP B 55 26.62 -10.42 4.11
CA ASP B 55 27.81 -10.72 4.91
C ASP B 55 27.60 -10.40 6.40
N PRO B 56 27.39 -11.41 7.22
CA PRO B 56 27.11 -11.15 8.61
C PRO B 56 28.33 -10.75 9.48
N LEU B 57 29.53 -10.97 8.94
CA LEU B 57 30.77 -10.60 9.61
C LEU B 57 30.97 -9.11 9.58
N ASN B 58 30.61 -8.51 8.46
CA ASN B 58 30.81 -7.09 8.23
C ASN B 58 29.54 -6.29 8.05
N ASP B 59 28.40 -6.97 8.16
CA ASP B 59 27.11 -6.30 8.12
C ASP B 59 26.91 -5.52 6.82
N LYS B 60 27.06 -6.20 5.69
CA LYS B 60 26.92 -5.58 4.38
C LYS B 60 26.30 -6.52 3.41
N PHE B 61 25.50 -5.99 2.51
CA PHE B 61 24.97 -6.77 1.36
C PHE B 61 25.97 -6.82 0.21
N GLU B 62 25.98 -7.92 -0.55
CA GLU B 62 26.82 -8.05 -1.73
C GLU B 62 25.91 -8.37 -2.90
N PRO B 63 25.86 -7.50 -3.94
CA PRO B 63 25.04 -7.78 -5.14
C PRO B 63 25.56 -9.01 -5.87
N TRP B 64 24.67 -9.94 -6.16
CA TRP B 64 25.07 -11.18 -6.77
C TRP B 64 24.53 -11.24 -8.20
N LEU B 65 23.34 -11.81 -8.42
CA LEU B 65 22.65 -11.69 -9.71
C LEU B 65 22.35 -10.22 -9.95
N ALA B 66 21.96 -9.51 -8.89
CA ALA B 66 21.78 -8.04 -8.98
C ALA B 66 23.08 -7.31 -9.09
N GLU B 67 23.05 -6.20 -9.80
CA GLU B 67 24.13 -5.25 -9.84
C GLU B 67 23.95 -4.20 -8.75
N LYS B 68 22.69 -3.88 -8.44
CA LYS B 68 22.35 -2.75 -7.57
C LYS B 68 20.88 -2.93 -7.15
N GLY B 69 20.54 -2.49 -5.95
CA GLY B 69 19.12 -2.45 -5.55
C GLY B 69 18.99 -1.33 -4.55
N GLU B 70 17.95 -0.51 -4.67
CA GLU B 70 17.73 0.53 -3.68
C GLU B 70 16.30 1.03 -3.61
N TRP B 71 15.93 1.50 -2.43
CA TRP B 71 14.66 2.19 -2.24
C TRP B 71 14.78 3.59 -2.82
N VAL B 72 13.94 3.90 -3.80
CA VAL B 72 13.97 5.20 -4.42
C VAL B 72 12.86 6.11 -3.90
N SER B 73 11.91 5.50 -3.16
CA SER B 73 10.90 6.22 -2.42
C SER B 73 10.50 5.34 -1.27
N ASN B 74 9.55 5.82 -0.47
CA ASN B 74 9.08 5.03 0.63
C ASN B 74 8.52 3.65 0.23
N ASN B 75 7.94 3.52 -0.98
CA ASN B 75 7.30 2.26 -1.37
C ASN B 75 7.75 1.69 -2.69
N GLU B 76 8.89 2.14 -3.18
CA GLU B 76 9.43 1.69 -4.47
C GLU B 76 10.90 1.31 -4.35
N TYR B 77 11.18 0.08 -4.77
CA TYR B 77 12.53 -0.48 -4.70
C TYR B 77 12.89 -0.83 -6.12
N VAL B 78 13.98 -0.26 -6.59
CA VAL B 78 14.46 -0.50 -7.95
C VAL B 78 15.66 -1.44 -7.95
N LEU B 79 15.51 -2.55 -8.69
CA LEU B 79 16.49 -3.61 -8.80
C LEU B 79 17.10 -3.57 -10.21
N THR B 80 18.41 -3.51 -10.27
CA THR B 80 19.12 -3.56 -11.54
C THR B 80 19.90 -4.85 -11.60
N LEU B 81 19.61 -5.70 -12.59
CA LEU B 81 20.34 -6.93 -12.77
C LEU B 81 21.62 -6.67 -13.52
N ARG B 82 22.62 -7.50 -13.24
CA ARG B 82 23.87 -7.51 -14.02
C ARG B 82 23.56 -7.93 -15.46
N LYS B 83 24.40 -7.47 -16.40
CA LYS B 83 24.42 -8.02 -17.76
C LYS B 83 25.13 -9.39 -17.77
N GLY B 84 24.84 -10.21 -18.76
CA GLY B 84 25.63 -11.43 -19.00
C GLY B 84 25.29 -12.63 -18.14
N LEU B 85 24.12 -12.60 -17.53
CA LEU B 85 23.67 -13.73 -16.69
C LEU B 85 23.16 -14.88 -17.61
N ARG B 86 23.46 -16.12 -17.22
CA ARG B 86 23.04 -17.25 -18.02
C ARG B 86 22.63 -18.44 -17.16
N TRP B 87 21.61 -19.14 -17.65
CA TRP B 87 21.26 -20.45 -17.14
C TRP B 87 22.32 -21.49 -17.56
N GLN B 88 22.42 -22.55 -16.75
CA GLN B 88 23.34 -23.66 -17.04
C GLN B 88 23.08 -24.37 -18.38
N ASP B 89 21.87 -24.25 -18.92
CA ASP B 89 21.58 -24.77 -20.27
C ASP B 89 21.87 -23.74 -21.37
N GLY B 90 22.47 -22.60 -21.03
CA GLY B 90 22.92 -21.62 -22.00
C GLY B 90 21.89 -20.55 -22.31
N VAL B 91 20.66 -20.72 -21.83
CA VAL B 91 19.61 -19.72 -22.05
C VAL B 91 19.94 -18.50 -21.16
N PRO B 92 19.81 -17.29 -21.70
CA PRO B 92 20.06 -16.12 -20.82
C PRO B 92 19.10 -16.03 -19.63
N LEU B 93 19.63 -15.54 -18.51
CA LEU B 93 18.87 -15.30 -17.33
C LEU B 93 18.63 -13.79 -17.40
N THR B 94 17.36 -13.41 -17.35
CA THR B 94 16.99 -12.00 -17.49
C THR B 94 16.01 -11.58 -16.41
N ALA B 95 15.62 -10.32 -16.43
CA ALA B 95 14.59 -9.83 -15.49
C ALA B 95 13.25 -10.57 -15.62
N ASP B 96 12.96 -11.11 -16.80
CA ASP B 96 11.76 -11.95 -16.98
C ASP B 96 11.74 -13.14 -15.99
N ASP B 97 12.90 -13.74 -15.75
CA ASP B 97 12.98 -14.83 -14.78
C ASP B 97 12.75 -14.35 -13.35
N VAL B 98 13.26 -13.16 -13.04
CA VAL B 98 13.01 -12.57 -11.73
C VAL B 98 11.52 -12.27 -11.55
N VAL B 99 10.87 -11.70 -12.57
CA VAL B 99 9.44 -11.39 -12.47
C VAL B 99 8.72 -12.71 -12.28
N PHE B 100 9.09 -13.72 -13.07
CA PHE B 100 8.46 -15.03 -12.96
C PHE B 100 8.58 -15.64 -11.57
N THR B 101 9.78 -15.56 -11.00
CA THR B 101 10.05 -16.12 -9.67
C THR B 101 9.12 -15.55 -8.60
N PHE B 102 8.84 -14.26 -8.70
CA PHE B 102 7.87 -13.63 -7.86
C PHE B 102 6.41 -13.94 -8.24
N GLU B 103 6.08 -13.78 -9.51
CA GLU B 103 4.68 -13.90 -9.96
C GLU B 103 4.12 -15.29 -9.84
N ILE B 104 4.97 -16.31 -9.90
CA ILE B 104 4.48 -17.67 -9.77
C ILE B 104 3.82 -17.90 -8.38
N ALA B 105 4.32 -17.20 -7.34
CA ALA B 105 3.79 -17.31 -5.98
C ALA B 105 2.53 -16.46 -5.75
N LYS B 106 2.19 -15.62 -6.69
CA LYS B 106 0.91 -14.93 -6.69
C LYS B 106 -0.12 -15.92 -7.19
N LYS B 107 0.20 -16.62 -8.28
CA LYS B 107 -0.69 -17.63 -8.88
C LYS B 107 -0.89 -18.80 -7.92
N TYR B 108 0.23 -19.32 -7.39
CA TYR B 108 0.27 -20.51 -6.57
C TYR B 108 0.59 -20.21 -5.12
N THR B 109 -0.45 -20.13 -4.30
CA THR B 109 -0.27 -19.68 -2.93
C THR B 109 0.36 -20.74 -2.01
N GLY B 110 0.51 -21.99 -2.48
CA GLY B 110 1.22 -22.98 -1.71
C GLY B 110 2.73 -22.78 -1.65
N ILE B 111 3.24 -21.90 -2.51
CA ILE B 111 4.66 -21.55 -2.50
C ILE B 111 4.99 -20.76 -1.23
N SER B 112 6.16 -21.05 -0.66
CA SER B 112 6.50 -20.59 0.69
C SER B 112 6.44 -19.09 0.84
N TYR B 113 6.86 -18.35 -0.18
CA TYR B 113 6.93 -16.89 -0.08
C TYR B 113 5.74 -16.19 -0.72
N SER B 114 4.66 -16.94 -0.99
CA SER B 114 3.43 -16.35 -1.53
C SER B 114 2.86 -15.18 -0.70
N PRO B 115 3.04 -15.15 0.65
CA PRO B 115 2.56 -13.95 1.36
C PRO B 115 3.22 -12.62 0.99
N VAL B 116 4.30 -12.66 0.24
CA VAL B 116 4.94 -11.42 -0.24
C VAL B 116 3.94 -10.50 -0.96
N TRP B 117 2.96 -11.13 -1.62
CA TRP B 117 1.93 -10.41 -2.37
C TRP B 117 0.86 -9.76 -1.50
N ASN B 118 0.88 -10.04 -0.19
CA ASN B 118 0.09 -9.21 0.73
C ASN B 118 0.64 -7.80 0.92
N TRP B 119 1.94 -7.61 0.65
CA TRP B 119 2.61 -6.33 0.88
C TRP B 119 3.35 -5.72 -0.32
N LEU B 120 3.59 -6.56 -1.32
CA LEU B 120 4.04 -6.12 -2.63
C LEU B 120 2.81 -5.91 -3.50
N GLY B 121 2.70 -4.75 -4.11
CA GLY B 121 1.57 -4.46 -5.00
C GLY B 121 1.75 -4.90 -6.46
N ARG B 122 2.84 -4.46 -7.07
CA ARG B 122 3.16 -4.91 -8.41
C ARG B 122 4.65 -4.80 -8.72
N ILE B 123 5.05 -5.42 -9.82
CA ILE B 123 6.43 -5.27 -10.32
C ILE B 123 6.43 -4.67 -11.75
N GLU B 124 7.09 -3.52 -11.92
CA GLU B 124 7.15 -2.85 -13.20
C GLU B 124 8.45 -3.17 -13.87
N ARG B 125 8.39 -3.35 -15.19
CA ARG B 125 9.58 -3.51 -15.99
C ARG B 125 10.02 -2.13 -16.44
N VAL B 126 11.12 -1.64 -15.89
CA VAL B 126 11.64 -0.31 -16.21
C VAL B 126 12.46 -0.33 -17.50
N ASP B 127 13.38 -1.27 -17.63
CA ASP B 127 14.06 -1.51 -18.88
C ASP B 127 14.43 -2.98 -18.99
N GLU B 128 15.30 -3.31 -19.94
CA GLU B 128 15.61 -4.71 -20.20
C GLU B 128 16.13 -5.42 -18.97
N ARG B 129 16.83 -4.71 -18.08
CA ARG B 129 17.41 -5.37 -16.92
C ARG B 129 17.10 -4.64 -15.59
N THR B 130 16.01 -3.89 -15.57
CA THR B 130 15.61 -3.15 -14.37
C THR B 130 14.14 -3.34 -14.07
N LEU B 131 13.88 -3.55 -12.77
CA LEU B 131 12.54 -3.79 -12.26
C LEU B 131 12.30 -2.78 -11.15
N LYS B 132 11.05 -2.31 -11.03
CA LYS B 132 10.62 -1.47 -9.90
C LYS B 132 9.51 -2.23 -9.17
N PHE B 133 9.79 -2.54 -7.91
CA PHE B 133 8.86 -3.22 -7.00
C PHE B 133 8.12 -2.11 -6.27
N VAL B 134 6.79 -2.12 -6.42
CA VAL B 134 5.90 -1.11 -5.83
C VAL B 134 5.11 -1.76 -4.70
N PHE B 135 5.28 -1.26 -3.49
CA PHE B 135 4.70 -1.93 -2.32
C PHE B 135 3.44 -1.27 -1.77
N SER B 136 2.50 -2.08 -1.35
CA SER B 136 1.40 -1.59 -0.55
C SER B 136 1.79 -1.37 0.91
N ASP B 137 2.76 -2.15 1.40
CA ASP B 137 3.21 -2.10 2.80
C ASP B 137 4.71 -2.36 2.80
N PRO B 138 5.53 -1.29 2.76
CA PRO B 138 6.97 -1.48 2.65
C PRO B 138 7.57 -2.03 3.95
N ARG B 139 7.70 -3.34 4.00
CA ARG B 139 8.29 -4.02 5.15
C ARG B 139 9.79 -4.16 4.90
N TYR B 140 10.53 -3.12 5.26
CA TYR B 140 11.94 -3.02 4.95
C TYR B 140 12.76 -4.20 5.44
N GLN B 141 12.46 -4.67 6.64
CA GLN B 141 13.28 -5.74 7.22
C GLN B 141 12.99 -7.07 6.62
N GLU B 142 11.73 -7.39 6.45
CA GLU B 142 11.32 -8.61 5.78
C GLU B 142 11.82 -8.65 4.33
N TRP B 143 11.87 -7.48 3.67
CA TRP B 143 12.40 -7.40 2.33
C TRP B 143 13.85 -7.83 2.25
N LYS B 144 14.65 -7.45 3.25
CA LYS B 144 16.07 -7.90 3.26
C LYS B 144 16.19 -9.41 3.16
N GLN B 145 15.33 -10.12 3.89
CA GLN B 145 15.33 -11.56 3.84
C GLN B 145 14.90 -12.09 2.48
N MSE B 146 13.96 -11.41 1.83
CA MSE B 146 13.54 -11.82 0.48
C MSE B 146 14.70 -11.74 -0.49
O MSE B 146 14.82 -12.60 -1.38
CB MSE B 146 12.42 -10.94 -0.08
CG MSE B 146 11.08 -11.12 0.52
SE MSE B 146 10.27 -12.94 0.25
CE MSE B 146 10.20 -12.94 -1.66
N LEU B 147 15.53 -10.74 -0.34
CA LEU B 147 16.59 -10.51 -1.33
C LEU B 147 17.68 -11.58 -1.29
N ILE B 148 17.94 -12.13 -0.11
CA ILE B 148 18.95 -13.17 0.07
C ILE B 148 18.42 -14.59 0.01
N ASN B 149 17.14 -14.77 0.31
CA ASN B 149 16.63 -16.12 0.42
C ASN B 149 15.66 -16.57 -0.64
N THR B 150 15.45 -15.77 -1.69
CA THR B 150 14.59 -16.17 -2.78
C THR B 150 15.46 -16.56 -3.95
N PRO B 151 15.58 -17.88 -4.23
CA PRO B 151 16.39 -18.19 -5.41
C PRO B 151 15.65 -17.84 -6.70
N ILE B 152 16.40 -17.41 -7.71
CA ILE B 152 15.82 -17.15 -9.01
C ILE B 152 15.74 -18.42 -9.82
N VAL B 153 14.55 -18.69 -10.37
CA VAL B 153 14.32 -19.91 -11.13
C VAL B 153 13.97 -19.59 -12.55
N PRO B 154 14.27 -20.53 -13.45
CA PRO B 154 14.08 -20.31 -14.88
C PRO B 154 12.66 -20.48 -15.37
N LYS B 155 12.13 -19.41 -15.92
CA LYS B 155 10.77 -19.40 -16.44
C LYS B 155 10.58 -20.47 -17.51
N HIS B 156 11.58 -20.63 -18.36
CA HIS B 156 11.46 -21.56 -19.50
C HIS B 156 11.32 -23.02 -19.07
N ILE B 157 11.64 -23.33 -17.83
CA ILE B 157 11.48 -24.66 -17.27
C ILE B 157 10.22 -24.85 -16.42
N TRP B 158 9.89 -23.86 -15.60
CA TRP B 158 8.85 -24.00 -14.61
C TRP B 158 7.50 -23.44 -15.06
N GLU B 159 7.50 -22.62 -16.11
CA GLU B 159 6.35 -21.85 -16.63
C GLU B 159 4.98 -22.52 -16.71
N ASN B 160 4.91 -23.75 -17.19
CA ASN B 160 3.58 -24.24 -17.53
C ASN B 160 3.16 -25.44 -16.65
N LYS B 161 3.62 -25.42 -15.41
CA LYS B 161 3.32 -26.48 -14.47
C LYS B 161 2.15 -26.15 -13.57
N THR B 162 1.45 -27.18 -13.14
CA THR B 162 0.47 -27.01 -12.07
C THR B 162 1.18 -26.77 -10.73
N GLU B 163 0.43 -26.29 -9.76
CA GLU B 163 1.00 -26.07 -8.43
C GLU B 163 1.55 -27.36 -7.84
N GLU B 164 0.82 -28.46 -8.04
CA GLU B 164 1.24 -29.75 -7.52
C GLU B 164 2.56 -30.15 -8.18
N GLU B 165 2.63 -29.91 -9.48
CA GLU B 165 3.83 -30.26 -10.23
C GLU B 165 5.03 -29.46 -9.74
N VAL B 166 4.84 -28.17 -9.50
CA VAL B 166 5.92 -27.33 -8.92
C VAL B 166 6.35 -27.85 -7.56
N LEU B 167 5.42 -28.03 -6.64
CA LEU B 167 5.80 -28.31 -5.26
C LEU B 167 6.29 -29.75 -5.02
N GLN B 168 5.85 -30.69 -5.83
CA GLN B 168 6.17 -32.10 -5.59
C GLN B 168 7.34 -32.61 -6.46
N ALA B 169 7.80 -31.80 -7.40
CA ALA B 169 8.86 -32.22 -8.32
C ALA B 169 10.11 -32.58 -7.55
N ALA B 170 10.74 -33.71 -7.87
CA ALA B 170 12.04 -34.02 -7.30
C ALA B 170 13.13 -33.13 -7.88
N ASN B 171 12.95 -32.75 -9.15
CA ASN B 171 13.87 -31.89 -9.86
C ASN B 171 15.27 -32.47 -9.95
N GLU B 172 15.36 -33.75 -10.32
CA GLU B 172 16.64 -34.38 -10.61
C GLU B 172 17.27 -33.65 -11.77
N ASN B 173 18.60 -33.58 -11.75
CA ASN B 173 19.37 -32.87 -12.77
C ASN B 173 18.90 -31.42 -12.86
N PRO B 174 18.95 -30.70 -11.74
CA PRO B 174 18.43 -29.34 -11.70
C PRO B 174 19.19 -28.39 -12.65
N VAL B 175 18.47 -27.47 -13.27
CA VAL B 175 19.06 -26.44 -14.15
C VAL B 175 18.97 -25.11 -13.46
N GLY B 176 20.11 -24.70 -12.92
CA GLY B 176 20.22 -23.44 -12.19
C GLY B 176 21.14 -22.52 -12.96
N SER B 177 21.57 -21.44 -12.31
CA SER B 177 22.47 -20.46 -12.86
C SER B 177 23.82 -20.44 -12.15
N GLY B 178 24.00 -21.29 -11.16
CA GLY B 178 25.14 -21.23 -10.25
C GLY B 178 26.39 -21.94 -10.77
N PRO B 179 27.48 -21.88 -9.97
CA PRO B 179 28.79 -22.38 -10.35
C PRO B 179 28.90 -23.92 -10.47
N TYR B 180 27.95 -24.69 -9.93
CA TYR B 180 27.99 -26.15 -10.00
C TYR B 180 26.70 -26.74 -10.49
N TYR B 181 26.79 -27.88 -11.17
CA TYR B 181 25.59 -28.68 -11.46
C TYR B 181 25.70 -30.06 -10.83
N VAL B 182 24.62 -30.82 -10.78
CA VAL B 182 24.66 -32.15 -10.18
C VAL B 182 25.09 -33.13 -11.25
N GLU B 183 26.27 -33.73 -11.08
CA GLU B 183 26.81 -34.73 -11.99
C GLU B 183 26.26 -36.14 -11.75
N SER B 184 26.17 -36.49 -10.48
CA SER B 184 25.79 -37.83 -10.08
C SER B 184 25.44 -37.85 -8.59
N TRP B 185 24.79 -38.93 -8.17
CA TRP B 185 24.43 -39.07 -6.79
C TRP B 185 24.17 -40.53 -6.47
N ALA B 186 24.21 -40.84 -5.19
CA ALA B 186 23.99 -42.18 -4.67
C ALA B 186 23.41 -42.09 -3.28
N ASP B 187 23.13 -43.22 -2.63
CA ASP B 187 22.51 -43.12 -1.32
C ASP B 187 23.37 -42.34 -0.33
N ASP B 188 24.69 -42.30 -0.56
CA ASP B 188 25.58 -41.69 0.42
C ASP B 188 26.28 -40.43 -0.06
N ARG B 189 25.93 -39.91 -1.24
CA ARG B 189 26.63 -38.72 -1.75
C ARG B 189 25.93 -38.06 -2.91
N CYS B 190 26.20 -36.78 -3.06
CA CYS B 190 25.80 -35.99 -4.21
C CYS B 190 27.05 -35.32 -4.72
N VAL B 191 27.33 -35.54 -6.00
CA VAL B 191 28.52 -34.97 -6.64
C VAL B 191 28.10 -33.79 -7.50
N PHE B 192 28.66 -32.64 -7.14
CA PHE B 192 28.51 -31.39 -7.85
C PHE B 192 29.72 -31.16 -8.70
N LYS B 193 29.49 -30.76 -9.96
CA LYS B 193 30.55 -30.55 -10.91
C LYS B 193 30.54 -29.11 -11.34
N LYS B 194 31.72 -28.54 -11.46
CA LYS B 194 31.86 -27.13 -11.75
C LYS B 194 31.39 -26.82 -13.16
N ASN B 195 30.60 -25.76 -13.30
CA ASN B 195 30.24 -25.24 -14.62
C ASN B 195 31.34 -24.28 -15.10
N GLY B 196 32.11 -24.76 -16.04
CA GLY B 196 33.21 -23.99 -16.60
C GLY B 196 32.80 -22.67 -17.23
N ASN B 197 31.54 -22.56 -17.64
CA ASN B 197 31.02 -21.34 -18.26
C ASN B 197 30.11 -20.60 -17.33
N TRP B 198 30.22 -20.84 -16.04
CA TRP B 198 29.48 -20.02 -15.09
C TRP B 198 29.69 -18.52 -15.36
N TRP B 199 28.56 -17.78 -15.41
CA TRP B 199 28.56 -16.36 -15.68
C TRP B 199 29.37 -15.55 -14.67
N GLY B 200 29.49 -16.05 -13.44
CA GLY B 200 30.21 -15.33 -12.38
C GLY B 200 31.70 -15.15 -12.64
N ILE B 201 32.27 -16.02 -13.48
CA ILE B 201 33.72 -16.00 -13.72
C ILE B 201 34.07 -14.73 -14.46
N ARG B 202 33.37 -14.50 -15.57
CA ARG B 202 33.50 -13.26 -16.31
C ARG B 202 32.97 -12.05 -15.56
N GLU B 203 31.72 -12.12 -15.12
CA GLU B 203 31.02 -10.94 -14.60
C GLU B 203 31.40 -10.57 -13.18
N LEU B 204 31.68 -11.53 -12.29
CA LEU B 204 32.14 -11.21 -10.92
C LEU B 204 33.64 -11.31 -10.74
N GLY B 205 34.32 -12.04 -11.62
CA GLY B 205 35.76 -12.31 -11.45
C GLY B 205 36.01 -13.27 -10.29
N TYR B 206 35.06 -14.15 -10.02
CA TYR B 206 35.24 -15.20 -9.04
C TYR B 206 35.40 -16.49 -9.80
N ASP B 207 36.38 -17.30 -9.41
CA ASP B 207 36.55 -18.60 -10.04
C ASP B 207 36.55 -19.68 -8.96
N PRO B 208 35.49 -20.51 -8.90
CA PRO B 208 35.47 -21.61 -7.97
C PRO B 208 36.63 -22.57 -8.22
N LYS B 209 37.32 -22.92 -7.14
CA LYS B 209 38.56 -23.69 -7.24
C LYS B 209 38.35 -25.21 -7.46
N PRO B 210 37.50 -25.87 -6.66
CA PRO B 210 37.28 -27.33 -6.90
C PRO B 210 36.55 -27.63 -8.24
N GLU B 211 37.02 -28.65 -8.95
CA GLU B 211 36.33 -29.12 -10.15
C GLU B 211 35.07 -29.89 -9.75
N ARG B 212 35.15 -30.55 -8.59
CA ARG B 212 34.02 -31.27 -8.04
C ARG B 212 33.94 -31.07 -6.55
N ILE B 213 32.71 -30.98 -6.07
CA ILE B 213 32.42 -31.04 -4.65
C ILE B 213 31.57 -32.27 -4.40
N VAL B 214 32.09 -33.16 -3.56
CA VAL B 214 31.38 -34.37 -3.16
C VAL B 214 30.83 -34.16 -1.77
N GLU B 215 29.49 -34.07 -1.70
CA GLU B 215 28.80 -33.90 -0.44
C GLU B 215 28.49 -35.28 0.07
N LEU B 216 29.08 -35.61 1.22
CA LEU B 216 28.98 -36.93 1.79
C LEU B 216 28.01 -37.00 2.91
N ARG B 217 27.25 -38.09 2.91
CA ARG B 217 26.46 -38.52 4.03
C ARG B 217 27.35 -39.44 4.87
N VAL B 218 27.52 -39.12 6.12
CA VAL B 218 28.33 -39.92 7.02
C VAL B 218 27.47 -40.22 8.21
N LEU B 219 27.41 -41.48 8.53
CA LEU B 219 26.43 -42.00 9.46
C LEU B 219 26.88 -41.94 10.92
N SER B 220 28.17 -41.88 11.15
CA SER B 220 28.63 -41.90 12.52
C SER B 220 29.69 -40.84 12.74
N ASN B 221 29.67 -40.25 13.91
CA ASN B 221 30.63 -39.19 14.21
C ASN B 221 32.07 -39.73 14.29
N ASN B 222 32.25 -40.98 14.65
CA ASN B 222 33.63 -41.50 14.67
C ASN B 222 34.21 -41.62 13.28
N VAL B 223 33.37 -42.00 12.32
CA VAL B 223 33.80 -42.07 10.93
C VAL B 223 34.12 -40.65 10.43
N ALA B 224 33.28 -39.68 10.73
CA ALA B 224 33.53 -38.31 10.28
C ALA B 224 34.84 -37.75 10.87
N VAL B 225 35.04 -37.88 12.18
CA VAL B 225 36.26 -37.37 12.77
C VAL B 225 37.50 -38.12 12.25
N GLY B 226 37.35 -39.43 11.98
CA GLY B 226 38.45 -40.24 11.46
C GLY B 226 38.80 -39.81 10.07
N MSE B 227 37.78 -39.55 9.27
CA MSE B 227 38.05 -39.04 7.93
C MSE B 227 38.76 -37.67 7.91
O MSE B 227 39.64 -37.45 7.06
CB MSE B 227 36.75 -38.96 7.14
CG MSE B 227 36.29 -40.31 6.79
SE MSE B 227 34.60 -40.10 5.67
CE MSE B 227 35.54 -39.66 3.85
N LEU B 228 38.33 -36.77 8.77
CA LEU B 228 38.99 -35.49 8.93
C LEU B 228 40.45 -35.65 9.31
N MSE B 229 40.71 -36.52 10.29
CA MSE B 229 42.06 -36.79 10.75
C MSE B 229 42.94 -37.39 9.68
O MSE B 229 44.12 -37.06 9.60
CB MSE B 229 42.02 -37.80 11.89
CG MSE B 229 41.47 -37.29 13.15
SE MSE B 229 42.64 -35.91 13.94
CE MSE B 229 44.29 -36.84 13.98
N LYS B 230 42.37 -38.30 8.89
CA LYS B 230 43.10 -38.88 7.75
C LYS B 230 43.26 -37.97 6.53
N GLY B 231 42.55 -36.87 6.49
CA GLY B 231 42.57 -36.00 5.33
C GLY B 231 41.71 -36.51 4.18
N GLU B 232 40.71 -37.34 4.47
CA GLU B 232 39.77 -37.85 3.47
C GLU B 232 38.51 -36.99 3.39
N LEU B 233 38.25 -36.21 4.43
CA LEU B 233 37.20 -35.22 4.46
C LEU B 233 37.92 -33.88 4.56
N ASP B 234 37.63 -32.97 3.64
CA ASP B 234 38.29 -31.65 3.64
C ASP B 234 37.56 -30.63 4.51
N TRP B 235 36.23 -30.62 4.40
CA TRP B 235 35.37 -29.57 4.94
C TRP B 235 34.23 -30.19 5.71
N SER B 236 34.24 -29.94 7.01
CA SER B 236 33.22 -30.45 7.90
C SER B 236 32.38 -29.32 8.50
N ASN B 237 31.06 -29.47 8.33
CA ASN B 237 30.07 -28.72 9.10
C ASN B 237 29.33 -29.63 10.08
N PHE B 238 30.01 -30.70 10.47
CA PHE B 238 29.54 -31.57 11.54
C PHE B 238 29.89 -31.01 12.93
N PHE B 239 29.00 -31.25 13.89
CA PHE B 239 29.39 -31.13 15.31
C PHE B 239 30.18 -32.37 15.70
N LEU B 240 31.44 -32.16 16.05
CA LEU B 240 32.32 -33.26 16.42
C LEU B 240 32.89 -33.05 17.80
N PRO B 241 32.53 -33.94 18.72
CA PRO B 241 33.11 -33.88 20.07
C PRO B 241 34.62 -34.07 20.09
N GLY B 242 35.25 -33.42 21.05
CA GLY B 242 36.71 -33.54 21.26
C GLY B 242 37.58 -32.68 20.37
N VAL B 243 36.98 -31.85 19.50
CA VAL B 243 37.80 -31.01 18.63
C VAL B 243 38.81 -30.12 19.39
N PRO B 244 38.43 -29.52 20.52
CA PRO B 244 39.41 -28.71 21.24
C PRO B 244 40.72 -29.47 21.58
N VAL B 245 40.61 -30.73 21.93
CA VAL B 245 41.82 -31.53 22.28
C VAL B 245 42.54 -32.01 21.03
N LEU B 246 41.79 -32.44 20.04
CA LEU B 246 42.38 -32.89 18.78
C LEU B 246 43.11 -31.80 18.01
N LYS B 247 42.55 -30.60 18.05
CA LYS B 247 43.18 -29.46 17.39
C LYS B 247 44.57 -29.21 18.00
N LYS B 248 44.63 -29.30 19.32
CA LYS B 248 45.83 -29.11 20.11
C LYS B 248 46.93 -30.18 19.81
N ALA B 249 46.52 -31.41 19.57
CA ALA B 249 47.47 -32.51 19.30
C ALA B 249 47.72 -32.78 17.82
N TYR B 250 46.71 -32.60 16.98
CA TYR B 250 46.84 -33.05 15.63
C TYR B 250 46.93 -31.97 14.61
N GLY B 251 46.13 -30.92 14.70
CA GLY B 251 46.17 -29.87 13.70
C GLY B 251 44.95 -29.75 12.78
N ILE B 252 43.86 -29.30 13.34
CA ILE B 252 42.62 -29.17 12.64
C ILE B 252 42.38 -27.68 12.52
N VAL B 253 41.88 -27.23 11.37
CA VAL B 253 41.51 -25.82 11.20
C VAL B 253 40.12 -25.56 11.75
N THR B 254 40.01 -24.52 12.57
CA THR B 254 38.72 -23.95 13.04
C THR B 254 38.76 -22.42 12.86
N TRP B 255 37.60 -21.76 12.94
CA TRP B 255 37.54 -20.32 12.78
C TRP B 255 38.42 -19.58 13.79
N TYR B 256 38.20 -19.89 15.08
CA TYR B 256 39.01 -19.37 16.17
C TYR B 256 40.05 -20.40 16.62
N GLU B 257 41.24 -19.88 16.90
CA GLU B 257 42.33 -20.69 17.48
C GLU B 257 41.99 -21.32 18.82
N ASN B 258 41.36 -20.52 19.67
CA ASN B 258 40.96 -20.90 21.01
C ASN B 258 39.45 -20.85 21.25
N ALA B 259 39.02 -21.18 22.46
CA ALA B 259 37.58 -21.18 22.75
C ALA B 259 37.00 -19.80 22.38
N PRO B 260 35.80 -19.76 21.78
CA PRO B 260 34.85 -20.85 21.56
C PRO B 260 34.98 -21.65 20.25
N TYR B 261 36.07 -21.46 19.49
CA TYR B 261 36.45 -22.24 18.29
C TYR B 261 35.57 -21.96 17.08
N MSE B 262 34.26 -21.80 17.31
CA MSE B 262 33.27 -21.68 16.24
C MSE B 262 32.57 -20.34 16.28
O MSE B 262 32.34 -19.76 17.31
CB MSE B 262 32.15 -22.78 16.41
CG MSE B 262 32.59 -24.17 16.86
SE MSE B 262 33.65 -25.03 15.45
CE MSE B 262 34.44 -26.59 16.38
N LEU B 263 32.20 -19.86 15.09
CA LEU B 263 31.23 -18.79 14.97
C LEU B 263 29.85 -19.23 15.54
N PRO B 264 29.00 -18.24 15.95
CA PRO B 264 27.62 -18.50 16.37
C PRO B 264 26.67 -18.66 15.16
N ALA B 265 25.75 -19.60 15.24
CA ALA B 265 24.78 -19.86 14.18
C ALA B 265 23.37 -19.36 14.51
N ASN B 266 23.00 -19.45 15.79
CA ASN B 266 21.64 -19.22 16.23
C ASN B 266 21.57 -19.09 17.74
N THR B 267 20.40 -18.72 18.24
CA THR B 267 20.14 -18.71 19.65
C THR B 267 19.34 -19.93 20.02
N ALA B 268 19.92 -20.76 20.90
CA ALA B 268 19.25 -21.93 21.42
C ALA B 268 18.64 -21.54 22.73
N GLY B 269 17.39 -21.96 22.89
CA GLY B 269 16.64 -21.66 24.09
C GLY B 269 15.44 -22.53 24.28
N ILE B 270 14.69 -22.23 25.37
CA ILE B 270 13.53 -23.00 25.76
C ILE B 270 12.29 -22.20 25.45
N TYR B 271 11.46 -22.70 24.54
CA TYR B 271 10.08 -22.22 24.40
C TYR B 271 9.21 -22.84 25.51
N ILE B 272 8.30 -22.02 26.03
CA ILE B 272 7.46 -22.39 27.18
C ILE B 272 6.02 -22.32 26.77
N ASN B 273 5.25 -23.36 27.08
CA ASN B 273 3.82 -23.32 26.79
C ASN B 273 3.11 -22.45 27.83
N VAL B 274 2.85 -21.19 27.46
CA VAL B 274 2.38 -20.18 28.39
C VAL B 274 0.89 -20.35 28.67
N ASN B 275 0.28 -21.36 28.09
CA ASN B 275 -1.13 -21.59 28.30
C ASN B 275 -1.36 -22.79 29.17
N LYS B 276 -0.32 -23.25 29.85
CA LYS B 276 -0.40 -24.41 30.73
C LYS B 276 0.09 -24.04 32.12
N TYR B 277 -0.77 -24.22 33.12
CA TYR B 277 -0.42 -23.95 34.52
C TYR B 277 0.61 -24.96 35.01
N PRO B 278 1.67 -24.51 35.70
CA PRO B 278 1.98 -23.17 36.20
C PRO B 278 2.86 -22.33 35.29
N LEU B 279 3.16 -22.86 34.10
CA LEU B 279 4.00 -22.19 33.12
C LEU B 279 3.38 -20.87 32.67
N SER B 280 2.06 -20.75 32.87
CA SER B 280 1.33 -19.55 32.52
C SER B 280 1.60 -18.35 33.44
N ILE B 281 2.27 -18.59 34.57
CA ILE B 281 2.58 -17.52 35.53
C ILE B 281 3.92 -16.91 35.15
N PRO B 282 3.93 -15.63 34.76
CA PRO B 282 5.22 -15.04 34.36
C PRO B 282 6.36 -15.16 35.37
N GLU B 283 6.05 -14.99 36.64
CA GLU B 283 7.07 -15.13 37.70
C GLU B 283 7.61 -16.56 37.80
N PHE B 284 6.82 -17.55 37.41
CA PHE B 284 7.30 -18.94 37.39
C PHE B 284 8.34 -19.14 36.32
N ARG B 285 8.07 -18.54 35.17
CA ARG B 285 9.03 -18.54 34.06
C ARG B 285 10.35 -17.82 34.41
N ARG B 286 10.29 -16.66 35.05
CA ARG B 286 11.48 -16.01 35.58
C ARG B 286 12.25 -16.90 36.56
N ALA B 287 11.54 -17.60 37.44
CA ALA B 287 12.23 -18.48 38.38
C ALA B 287 13.02 -19.54 37.62
N MSE B 288 12.43 -20.11 36.58
CA MSE B 288 13.16 -21.07 35.78
C MSE B 288 14.41 -20.51 35.13
O MSE B 288 15.45 -21.17 35.08
CB MSE B 288 12.23 -21.68 34.73
CG MSE B 288 11.18 -22.53 35.33
SE MSE B 288 10.28 -23.63 33.92
CE MSE B 288 9.49 -22.20 32.91
N ALA B 289 14.31 -19.29 34.63
CA ALA B 289 15.43 -18.63 34.01
C ALA B 289 16.59 -18.41 34.98
N TYR B 290 16.28 -18.05 36.24
CA TYR B 290 17.30 -17.92 37.28
C TYR B 290 17.88 -19.26 37.71
N ALA B 291 17.08 -20.32 37.64
CA ALA B 291 17.55 -21.64 38.07
C ALA B 291 18.58 -22.30 37.15
N ILE B 292 18.57 -21.93 35.87
CA ILE B 292 19.35 -22.65 34.84
C ILE B 292 20.75 -22.09 34.69
N ASN B 293 21.74 -22.97 34.73
CA ASN B 293 23.16 -22.56 34.55
C ASN B 293 23.62 -22.91 33.12
N PRO B 294 23.70 -21.92 32.23
CA PRO B 294 24.10 -22.17 30.85
C PRO B 294 25.54 -22.65 30.74
N GLU B 295 26.40 -22.28 31.70
CA GLU B 295 27.80 -22.71 31.68
C GLU B 295 27.94 -24.21 31.83
N LYS B 296 27.01 -24.85 32.51
CA LYS B 296 26.98 -26.30 32.57
C LYS B 296 26.73 -26.94 31.18
N ILE B 297 25.91 -26.31 30.34
CA ILE B 297 25.71 -26.76 28.99
C ILE B 297 26.96 -26.50 28.14
N VAL B 298 27.51 -25.30 28.26
CA VAL B 298 28.70 -24.92 27.50
C VAL B 298 29.81 -25.97 27.69
N THR B 299 30.01 -26.42 28.92
CA THR B 299 31.06 -27.39 29.20
C THR B 299 30.63 -28.83 28.96
N ARG B 300 29.52 -29.25 29.55
CA ARG B 300 29.18 -30.66 29.44
C ARG B 300 28.79 -31.09 28.07
N ALA B 301 27.98 -30.31 27.39
CA ALA B 301 27.50 -30.69 26.08
C ALA B 301 28.51 -30.27 25.00
N TYR B 302 29.15 -29.11 25.16
CA TYR B 302 29.88 -28.54 24.03
C TYR B 302 31.40 -28.35 24.22
N GLU B 303 31.94 -28.69 25.37
CA GLU B 303 33.38 -28.54 25.61
C GLU B 303 33.93 -27.18 25.21
N ASN B 304 33.18 -26.14 25.57
CA ASN B 304 33.56 -24.76 25.32
C ASN B 304 33.65 -24.35 23.86
N MSE B 305 32.89 -25.03 23.02
CA MSE B 305 32.76 -24.69 21.60
C MSE B 305 31.54 -23.82 21.33
O MSE B 305 31.24 -23.55 20.18
CB MSE B 305 32.72 -25.94 20.72
CG MSE B 305 33.97 -26.80 20.83
SE MSE B 305 33.85 -28.35 19.58
CE MSE B 305 33.15 -29.75 20.82
N VAL B 306 30.84 -23.38 22.38
CA VAL B 306 29.81 -22.35 22.27
C VAL B 306 30.01 -21.34 23.38
N THR B 307 29.30 -20.22 23.30
CA THR B 307 29.21 -19.32 24.41
C THR B 307 27.74 -19.16 24.88
N ALA B 308 27.57 -18.89 26.17
CA ALA B 308 26.28 -18.62 26.74
C ALA B 308 25.72 -17.32 26.15
N ALA B 309 24.39 -17.24 26.08
CA ALA B 309 23.74 -16.09 25.49
C ALA B 309 23.62 -14.95 26.46
N ASN B 310 23.60 -13.71 25.95
CA ASN B 310 23.05 -12.62 26.78
C ASN B 310 21.56 -12.89 27.06
N PRO B 311 21.01 -12.28 28.11
CA PRO B 311 19.64 -12.56 28.54
C PRO B 311 18.59 -12.30 27.46
N ALA B 312 18.85 -11.35 26.56
CA ALA B 312 17.93 -11.09 25.45
C ALA B 312 18.02 -12.07 24.29
N GLY B 313 19.12 -12.83 24.23
CA GLY B 313 19.37 -13.77 23.20
C GLY B 313 19.78 -13.21 21.85
N ILE B 314 20.25 -11.96 21.87
CA ILE B 314 20.66 -11.27 20.64
C ILE B 314 22.03 -11.81 20.22
N LEU B 315 22.10 -12.29 19.00
CA LEU B 315 23.37 -12.83 18.49
C LEU B 315 24.44 -11.79 18.46
N PRO B 316 25.67 -12.20 18.81
CA PRO B 316 26.77 -11.28 18.93
C PRO B 316 27.45 -10.99 17.61
N LEU B 317 26.71 -10.41 16.69
CA LEU B 317 27.24 -10.03 15.40
C LEU B 317 26.89 -8.58 15.14
N PRO B 318 27.71 -7.92 14.31
CA PRO B 318 27.64 -6.45 14.23
C PRO B 318 26.30 -5.88 13.81
N GLY B 319 25.65 -6.53 12.85
CA GLY B 319 24.38 -6.06 12.33
C GLY B 319 23.24 -6.16 13.33
N TYR B 320 23.46 -6.91 14.41
CA TYR B 320 22.48 -6.99 15.50
C TYR B 320 22.91 -6.21 16.76
N MSE B 321 24.16 -6.34 17.12
CA MSE B 321 24.68 -5.66 18.31
C MSE B 321 24.69 -4.14 18.22
O MSE B 321 24.71 -3.47 19.28
CB MSE B 321 26.07 -6.18 18.67
CG MSE B 321 26.07 -7.59 19.16
SE MSE B 321 24.95 -8.04 20.73
CE MSE B 321 25.98 -7.02 22.21
N LYS B 322 24.66 -3.58 17.02
CA LYS B 322 24.46 -2.13 16.85
C LYS B 322 23.15 -1.65 17.53
N TYR B 323 22.23 -2.55 17.81
CA TYR B 323 20.95 -2.22 18.45
C TYR B 323 20.82 -2.80 19.85
N TYR B 324 21.90 -3.31 20.42
CA TYR B 324 21.82 -3.98 21.71
C TYR B 324 21.28 -3.03 22.79
N PRO B 325 20.20 -3.41 23.49
CA PRO B 325 19.66 -2.55 24.56
C PRO B 325 20.30 -2.78 25.94
N LYS B 326 21.49 -2.24 26.14
CA LYS B 326 22.29 -2.45 27.37
C LYS B 326 21.53 -2.06 28.63
N GLU B 327 20.89 -0.88 28.62
CA GLU B 327 20.15 -0.39 29.79
C GLU B 327 19.01 -1.32 30.19
N VAL B 328 18.26 -1.80 29.21
CA VAL B 328 17.16 -2.73 29.47
C VAL B 328 17.67 -4.04 30.05
N VAL B 329 18.72 -4.60 29.47
CA VAL B 329 19.24 -5.88 29.92
C VAL B 329 19.80 -5.73 31.35
N ASP B 330 20.49 -4.63 31.59
CA ASP B 330 20.99 -4.32 32.96
C ASP B 330 19.84 -4.19 33.96
N LYS B 331 18.76 -3.56 33.58
CA LYS B 331 17.66 -3.41 34.51
C LYS B 331 16.79 -4.66 34.63
N TYR B 332 16.55 -5.37 33.52
CA TYR B 332 15.52 -6.42 33.54
C TYR B 332 16.01 -7.84 33.29
N GLY B 333 17.31 -8.00 33.13
CA GLY B 333 17.88 -9.31 32.79
C GLY B 333 17.85 -10.31 33.93
N PHE B 334 18.29 -11.52 33.62
CA PHE B 334 18.37 -12.60 34.60
C PHE B 334 19.79 -13.14 34.46
N LYS B 335 20.19 -13.97 35.40
CA LYS B 335 21.43 -14.71 35.29
C LYS B 335 21.23 -15.94 36.18
N TYR B 336 22.15 -16.89 36.13
CA TYR B 336 22.07 -18.06 37.02
C TYR B 336 22.17 -17.63 38.49
N ASP B 337 21.09 -17.87 39.26
CA ASP B 337 21.09 -17.63 40.68
C ASP B 337 19.98 -18.47 41.30
N PRO B 338 20.30 -19.69 41.74
CA PRO B 338 19.26 -20.58 42.22
C PRO B 338 18.60 -20.10 43.51
N GLU B 339 19.30 -19.29 44.30
CA GLU B 339 18.68 -18.71 45.48
C GLU B 339 17.59 -17.71 45.13
N MSE B 340 17.77 -16.95 44.06
CA MSE B 340 16.70 -16.12 43.55
C MSE B 340 15.50 -16.96 43.08
O MSE B 340 14.34 -16.62 43.34
CB MSE B 340 17.23 -15.24 42.42
CG MSE B 340 16.20 -14.37 41.76
SE MSE B 340 15.46 -13.06 43.10
CE MSE B 340 14.40 -11.81 41.71
N ALA B 341 15.77 -18.07 42.41
CA ALA B 341 14.72 -18.92 41.86
C ALA B 341 13.87 -19.47 43.01
N LYS B 342 14.57 -19.97 44.02
CA LYS B 342 13.87 -20.46 45.24
C LYS B 342 13.05 -19.38 45.94
N LYS B 343 13.62 -18.20 46.12
CA LYS B 343 12.87 -17.09 46.69
C LYS B 343 11.62 -16.73 45.88
N ILE B 344 11.73 -16.72 44.56
CA ILE B 344 10.57 -16.45 43.71
C ILE B 344 9.48 -17.55 43.90
N LEU B 345 9.89 -18.80 43.89
CA LEU B 345 8.96 -19.91 44.05
C LEU B 345 8.27 -19.89 45.41
N ASP B 346 9.04 -19.58 46.47
CA ASP B 346 8.50 -19.44 47.83
C ASP B 346 7.45 -18.34 47.86
N GLU B 347 7.76 -17.19 47.26
CA GLU B 347 6.79 -16.08 47.29
C GLU B 347 5.55 -16.42 46.49
N LEU B 348 5.69 -17.21 45.42
CA LEU B 348 4.54 -17.68 44.68
C LEU B 348 3.69 -18.73 45.39
N GLY B 349 4.26 -19.33 46.44
CA GLY B 349 3.56 -20.31 47.25
C GLY B 349 3.79 -21.76 46.81
N PHE B 350 4.73 -21.99 45.90
CA PHE B 350 5.04 -23.35 45.49
C PHE B 350 5.96 -24.00 46.51
N LYS B 351 5.40 -24.79 47.43
CA LYS B 351 6.18 -25.35 48.51
C LYS B 351 6.09 -26.87 48.55
N ASP B 352 7.19 -27.49 49.00
CA ASP B 352 7.25 -28.92 49.21
C ASP B 352 6.49 -29.32 50.49
N VAL B 353 5.18 -29.44 50.41
CA VAL B 353 4.41 -29.76 51.60
C VAL B 353 4.49 -31.23 51.98
N ASN B 354 4.56 -32.15 51.02
CA ASN B 354 4.61 -33.54 51.43
C ASN B 354 6.02 -34.08 51.54
N LYS B 355 6.98 -33.17 51.64
CA LYS B 355 8.34 -33.54 51.99
C LYS B 355 8.98 -34.62 51.12
N ASP B 356 8.77 -34.53 49.81
CA ASP B 356 9.36 -35.46 48.84
C ASP B 356 10.47 -34.81 48.00
N GLY B 357 10.85 -33.59 48.34
CA GLY B 357 11.87 -32.88 47.57
C GLY B 357 11.34 -32.02 46.44
N PHE B 358 10.08 -32.24 46.05
CA PHE B 358 9.46 -31.43 45.04
C PHE B 358 8.43 -30.51 45.60
N ARG B 359 8.43 -29.29 45.09
CA ARG B 359 7.40 -28.35 45.35
C ARG B 359 6.09 -28.76 44.69
N GLU B 360 5.01 -28.64 45.46
CA GLU B 360 3.68 -28.75 44.93
C GLU B 360 3.20 -27.36 44.63
N ASP B 361 2.01 -27.26 44.04
CA ASP B 361 1.46 -25.95 43.73
C ASP B 361 0.86 -25.30 44.97
N PRO B 362 0.45 -24.04 44.86
CA PRO B 362 -0.02 -23.36 46.08
C PRO B 362 -1.20 -24.01 46.81
N ASN B 363 -2.01 -24.80 46.11
CA ASN B 363 -3.04 -25.56 46.79
C ASN B 363 -2.55 -26.93 47.21
N GLY B 364 -1.26 -27.16 47.10
CA GLY B 364 -0.62 -28.39 47.55
C GLY B 364 -0.77 -29.58 46.63
N LYS B 365 -1.19 -29.32 45.39
CA LYS B 365 -1.30 -30.36 44.37
C LYS B 365 0.08 -30.56 43.71
N PRO B 366 0.54 -31.82 43.62
CA PRO B 366 1.78 -32.12 42.91
C PRO B 366 1.68 -31.96 41.40
N PHE B 367 2.81 -31.65 40.79
CA PHE B 367 2.86 -31.50 39.36
C PHE B 367 4.25 -31.82 38.88
N LYS B 368 4.34 -32.10 37.60
CA LYS B 368 5.56 -32.47 36.93
C LYS B 368 5.53 -31.81 35.57
N LEU B 369 6.70 -31.41 35.07
CA LEU B 369 6.82 -30.86 33.72
C LEU B 369 7.78 -31.70 32.92
N THR B 370 7.65 -31.63 31.60
CA THR B 370 8.56 -32.28 30.70
C THR B 370 9.38 -31.23 29.94
N ILE B 371 10.60 -31.62 29.64
CA ILE B 371 11.40 -30.83 28.70
C ILE B 371 11.80 -31.81 27.56
N GLU B 372 11.76 -31.38 26.30
CA GLU B 372 12.01 -32.31 25.17
C GLU B 372 12.95 -31.85 24.11
N CYS B 373 13.57 -32.83 23.46
CA CYS B 373 14.42 -32.66 22.30
C CYS B 373 14.35 -33.99 21.50
N PRO B 374 14.81 -33.97 20.23
CA PRO B 374 14.76 -35.21 19.47
C PRO B 374 15.71 -36.28 19.95
N TYR B 375 15.20 -37.53 19.99
CA TYR B 375 16.05 -38.62 20.36
C TYR B 375 17.21 -38.69 19.35
N GLY B 376 18.39 -38.93 19.89
CA GLY B 376 19.59 -39.15 19.12
C GLY B 376 20.34 -37.86 18.82
N TRP B 377 19.78 -36.70 19.22
CA TRP B 377 20.52 -35.43 19.10
C TRP B 377 21.28 -35.25 20.38
N THR B 378 22.40 -35.94 20.46
CA THR B 378 22.99 -36.25 21.71
C THR B 378 23.46 -35.00 22.47
N ASP B 379 23.96 -34.00 21.75
CA ASP B 379 24.34 -32.74 22.37
C ASP B 379 23.12 -32.03 22.99
N TRP B 380 21.98 -32.06 22.31
CA TRP B 380 20.74 -31.52 22.88
C TRP B 380 20.23 -32.35 24.07
N MSE B 381 20.46 -33.67 24.01
CA MSE B 381 20.05 -34.56 25.11
C MSE B 381 20.81 -34.21 26.39
O MSE B 381 20.22 -34.00 27.46
CB MSE B 381 20.26 -36.02 24.71
CG MSE B 381 19.39 -36.45 23.56
SE MSE B 381 19.69 -38.35 23.06
CE MSE B 381 19.07 -39.18 24.71
N VAL B 382 22.13 -34.08 26.28
CA VAL B 382 22.94 -33.59 27.39
C VAL B 382 22.46 -32.23 27.91
N SER B 383 22.11 -31.35 27.00
CA SER B 383 21.68 -30.01 27.37
C SER B 383 20.37 -30.05 28.17
N ILE B 384 19.38 -30.81 27.71
CA ILE B 384 18.12 -30.87 28.41
C ILE B 384 18.25 -31.66 29.70
N GLN B 385 19.15 -32.65 29.80
CA GLN B 385 19.43 -33.29 31.09
C GLN B 385 20.00 -32.26 32.06
N SER B 386 20.87 -31.39 31.58
CA SER B 386 21.46 -30.36 32.47
C SER B 386 20.43 -29.33 32.97
N ILE B 387 19.58 -28.89 32.06
CA ILE B 387 18.42 -28.03 32.39
C ILE B 387 17.49 -28.65 33.41
N ALA B 388 17.05 -29.87 33.18
CA ALA B 388 16.21 -30.56 34.13
C ALA B 388 16.89 -30.69 35.49
N GLU B 389 18.18 -30.97 35.53
CA GLU B 389 18.91 -31.06 36.79
C GLU B 389 18.81 -29.75 37.57
N ASP B 390 19.03 -28.63 36.89
CA ASP B 390 18.96 -27.29 37.48
C ASP B 390 17.58 -26.98 38.05
N LEU B 391 16.54 -27.43 37.37
CA LEU B 391 15.18 -27.15 37.79
C LEU B 391 14.80 -28.06 38.98
N VAL B 392 15.29 -29.31 38.95
CA VAL B 392 15.09 -30.26 40.05
C VAL B 392 15.80 -29.74 41.33
N LYS B 393 16.93 -29.07 41.15
CA LYS B 393 17.73 -28.54 42.27
C LYS B 393 16.97 -27.44 43.02
N VAL B 394 16.03 -26.77 42.37
CA VAL B 394 15.19 -25.76 43.06
C VAL B 394 13.76 -26.27 43.31
N GLY B 395 13.61 -27.59 43.25
CA GLY B 395 12.39 -28.29 43.64
C GLY B 395 11.26 -28.37 42.64
N ILE B 396 11.59 -28.20 41.38
CA ILE B 396 10.60 -28.38 40.34
C ILE B 396 10.81 -29.73 39.68
N ASN B 397 9.75 -30.54 39.63
CA ASN B 397 9.81 -31.88 39.06
C ASN B 397 9.81 -31.82 37.54
N VAL B 398 11.00 -31.88 36.96
CA VAL B 398 11.15 -31.79 35.49
C VAL B 398 11.81 -33.08 35.00
N GLU B 399 11.23 -33.69 33.95
CA GLU B 399 11.79 -34.91 33.36
C GLU B 399 12.08 -34.68 31.90
N PRO B 400 13.30 -34.99 31.49
CA PRO B 400 13.53 -34.96 30.05
C PRO B 400 12.86 -36.06 29.26
N LYS B 401 12.40 -35.73 28.06
CA LYS B 401 11.93 -36.73 27.12
C LYS B 401 12.42 -36.51 25.72
N TYR B 402 12.44 -37.61 25.00
CA TYR B 402 13.20 -37.74 23.75
C TYR B 402 12.31 -38.34 22.68
N PRO B 403 11.35 -37.56 22.21
CA PRO B 403 10.53 -38.06 21.07
C PRO B 403 11.35 -38.25 19.80
N ASP B 404 10.89 -39.12 18.88
CA ASP B 404 11.50 -39.20 17.58
C ASP B 404 11.25 -37.88 16.87
N TYR B 405 12.05 -37.58 15.84
CA TYR B 405 11.94 -36.26 15.19
C TYR B 405 10.54 -35.87 14.75
N SER B 406 9.77 -36.82 14.22
CA SER B 406 8.44 -36.54 13.77
C SER B 406 7.56 -36.04 14.88
N LYS B 407 7.61 -36.71 16.01
CA LYS B 407 6.84 -36.29 17.16
C LYS B 407 7.33 -34.97 17.77
N TYR B 408 8.64 -34.81 17.89
CA TYR B 408 9.23 -33.53 18.29
C TYR B 408 8.70 -32.37 17.44
N ALA B 409 8.78 -32.51 16.12
CA ALA B 409 8.28 -31.49 15.19
C ALA B 409 6.79 -31.19 15.38
N ASP B 410 5.97 -32.23 15.52
CA ASP B 410 4.54 -32.04 15.73
C ASP B 410 4.27 -31.32 17.04
N ASP B 411 5.00 -31.74 18.10
CA ASP B 411 4.91 -31.08 19.40
C ASP B 411 5.29 -29.59 19.26
N LEU B 412 6.44 -29.31 18.67
CA LEU B 412 6.93 -27.93 18.51
C LEU B 412 5.92 -27.07 17.72
N TYR B 413 5.61 -27.50 16.50
CA TYR B 413 4.74 -26.69 15.66
C TYR B 413 3.31 -26.59 16.17
N GLY B 414 2.85 -27.65 16.81
CA GLY B 414 1.47 -27.71 17.36
C GLY B 414 1.33 -27.10 18.74
N GLY B 415 2.43 -26.72 19.38
CA GLY B 415 2.42 -26.15 20.72
C GLY B 415 2.04 -27.17 21.81
N LYS B 416 2.27 -28.44 21.54
CA LYS B 416 1.88 -29.50 22.45
C LYS B 416 3.11 -29.95 23.26
N PHE B 417 3.58 -29.10 24.17
CA PHE B 417 4.76 -29.40 24.96
C PHE B 417 4.59 -28.65 26.26
N ASP B 418 5.48 -28.91 27.24
CA ASP B 418 5.63 -28.04 28.41
C ASP B 418 6.83 -27.07 28.18
N LEU B 419 8.03 -27.63 28.19
CA LEU B 419 9.29 -26.93 27.79
C LEU B 419 9.85 -27.66 26.59
N ILE B 420 10.40 -26.93 25.63
CA ILE B 420 10.99 -27.56 24.45
C ILE B 420 12.22 -26.74 24.07
N LEU B 421 13.31 -27.43 23.87
CA LEU B 421 14.57 -26.82 23.37
C LEU B 421 14.47 -26.67 21.86
N ASN B 422 14.77 -25.48 21.35
CA ASN B 422 14.74 -25.25 19.88
C ASN B 422 15.54 -24.04 19.48
N ASN B 423 15.96 -24.03 18.21
CA ASN B 423 16.71 -22.93 17.62
C ASN B 423 16.44 -22.70 16.12
N PHE B 424 15.30 -23.17 15.63
CA PHE B 424 15.02 -23.16 14.19
C PHE B 424 14.75 -21.77 13.62
N THR B 425 14.24 -20.83 14.40
CA THR B 425 13.84 -19.55 13.85
C THR B 425 14.77 -18.40 14.27
N THR B 426 15.83 -18.73 15.01
CA THR B 426 16.71 -17.74 15.61
C THR B 426 18.10 -17.74 15.00
N GLY B 427 18.18 -18.19 13.75
CA GLY B 427 19.41 -18.20 12.99
C GLY B 427 19.89 -16.82 12.55
N VAL B 428 21.18 -16.77 12.27
CA VAL B 428 21.81 -15.61 11.65
C VAL B 428 21.00 -15.18 10.42
N SER B 429 20.77 -13.87 10.30
CA SER B 429 20.00 -13.33 9.14
C SER B 429 20.47 -11.94 8.81
N ALA B 430 19.84 -11.32 7.81
CA ALA B 430 20.12 -9.96 7.44
C ALA B 430 19.41 -8.93 8.32
N THR B 431 18.65 -9.35 9.35
CA THR B 431 17.91 -8.38 10.15
C THR B 431 17.55 -8.97 11.49
N ILE B 432 17.73 -8.15 12.52
CA ILE B 432 17.34 -8.55 13.87
C ILE B 432 15.84 -8.76 13.99
N TRP B 433 15.05 -8.16 13.07
CA TRP B 433 13.65 -8.52 13.00
C TRP B 433 13.37 -10.03 12.96
N SER B 434 14.18 -10.80 12.23
CA SER B 434 13.88 -12.21 12.14
C SER B 434 14.01 -12.93 13.50
N TYR B 435 14.91 -12.45 14.37
CA TYR B 435 15.03 -13.01 15.71
C TYR B 435 13.78 -12.75 16.54
N PHE B 436 13.35 -11.50 16.61
CA PHE B 436 12.20 -11.17 17.34
C PHE B 436 10.92 -11.83 16.81
N ASN B 437 10.82 -11.92 15.49
CA ASN B 437 9.71 -12.63 14.85
C ASN B 437 9.73 -14.10 15.24
N GLY B 438 10.91 -14.69 15.31
CA GLY B 438 11.05 -16.11 15.66
C GLY B 438 10.69 -16.42 17.10
N VAL B 439 10.94 -15.46 17.97
CA VAL B 439 10.58 -15.59 19.38
C VAL B 439 9.08 -15.33 19.60
N PHE B 440 8.57 -14.25 19.01
CA PHE B 440 7.19 -13.74 19.25
C PHE B 440 6.08 -13.96 18.17
N TYR B 441 6.43 -14.41 16.96
CA TYR B 441 5.49 -14.67 15.82
C TYR B 441 4.00 -14.64 16.21
N PRO B 442 3.40 -13.47 16.16
CA PRO B 442 2.05 -13.36 16.71
C PRO B 442 1.00 -14.30 16.14
N ASP B 443 1.11 -14.67 14.87
CA ASP B 443 0.05 -15.53 14.32
C ASP B 443 0.00 -16.93 14.88
N ALA B 444 1.04 -17.33 15.63
CA ALA B 444 1.04 -18.67 16.23
C ALA B 444 -0.16 -18.89 17.15
N VAL B 445 -0.62 -17.79 17.70
CA VAL B 445 -1.65 -17.80 18.74
C VAL B 445 -2.97 -18.29 18.14
N GLU B 446 -3.30 -17.82 16.95
CA GLU B 446 -4.61 -18.11 16.36
C GLU B 446 -4.56 -19.28 15.38
N SER B 447 -3.38 -19.84 15.17
CA SER B 447 -3.20 -20.93 14.23
C SER B 447 -2.94 -22.22 14.97
N GLU B 448 -3.50 -23.35 14.51
CA GLU B 448 -3.21 -24.65 15.12
C GLU B 448 -1.72 -24.96 15.12
N TYR B 449 -1.10 -24.86 13.95
CA TYR B 449 0.33 -25.07 13.76
C TYR B 449 1.06 -23.78 13.40
N SER B 450 2.20 -23.56 14.02
CA SER B 450 3.06 -22.44 13.70
C SER B 450 4.40 -22.99 13.26
N TYR B 451 4.87 -22.60 12.11
CA TYR B 451 6.21 -23.01 11.67
C TYR B 451 7.20 -21.87 11.76
N SER B 452 6.76 -20.69 12.18
CA SER B 452 7.62 -19.53 12.09
C SER B 452 8.12 -18.97 13.42
N GLY B 453 7.71 -19.57 14.52
CA GLY B 453 8.11 -19.11 15.85
C GLY B 453 6.97 -19.03 16.83
N ASN B 454 7.30 -18.53 18.01
CA ASN B 454 6.33 -18.41 19.07
C ASN B 454 5.56 -19.71 19.25
N PHE B 455 6.29 -20.79 19.40
CA PHE B 455 5.70 -22.12 19.41
C PHE B 455 4.83 -22.37 20.63
N GLY B 456 5.14 -21.69 21.72
CA GLY B 456 4.33 -21.77 22.96
C GLY B 456 3.07 -20.87 22.97
N LYS B 457 2.85 -20.13 21.88
CA LYS B 457 1.62 -19.34 21.66
C LYS B 457 1.40 -18.22 22.65
N TYR B 458 2.46 -17.44 22.85
CA TYR B 458 2.40 -16.25 23.70
C TYR B 458 1.67 -15.13 22.97
N ALA B 459 0.71 -14.51 23.64
CA ALA B 459 -0.07 -13.41 23.09
C ALA B 459 0.18 -12.12 23.82
N ASN B 460 0.48 -11.06 23.06
CA ASN B 460 0.68 -9.73 23.58
C ASN B 460 0.45 -8.70 22.48
N PRO B 461 -0.63 -7.91 22.58
CA PRO B 461 -0.91 -6.98 21.48
C PRO B 461 0.18 -5.94 21.27
N GLU B 462 0.85 -5.54 22.35
CA GLU B 462 1.96 -4.62 22.21
C GLU B 462 3.11 -5.20 21.40
N VAL B 463 3.35 -6.51 21.51
CA VAL B 463 4.48 -7.14 20.82
C VAL B 463 4.20 -7.10 19.32
N GLU B 464 2.94 -7.37 18.96
CA GLU B 464 2.59 -7.36 17.57
C GLU B 464 2.75 -5.96 16.98
N THR B 465 2.28 -4.94 17.70
CA THR B 465 2.48 -3.56 17.26
C THR B 465 3.96 -3.22 17.08
N LEU B 466 4.79 -3.60 18.03
CA LEU B 466 6.22 -3.31 17.98
C LEU B 466 6.95 -4.07 16.87
N LEU B 467 6.63 -5.34 16.72
CA LEU B 467 7.26 -6.13 15.66
C LEU B 467 7.00 -5.49 14.31
N ASP B 468 5.77 -4.99 14.12
CA ASP B 468 5.38 -4.36 12.86
C ASP B 468 6.09 -3.03 12.67
N GLU B 469 6.24 -2.27 13.75
CA GLU B 469 7.00 -1.01 13.69
C GLU B 469 8.45 -1.26 13.31
N LEU B 470 9.03 -2.29 13.89
CA LEU B 470 10.38 -2.69 13.57
C LEU B 470 10.49 -3.05 12.06
N ASN B 471 9.61 -3.92 11.58
CA ASN B 471 9.63 -4.35 10.17
C ASN B 471 9.54 -3.17 9.17
N ARG B 472 8.69 -2.21 9.52
CA ARG B 472 8.35 -1.08 8.68
C ARG B 472 9.27 0.13 8.88
N SER B 473 10.33 0.00 9.66
CA SER B 473 11.34 1.06 9.78
C SER B 473 12.62 0.74 9.04
N ASN B 474 13.22 1.76 8.43
CA ASN B 474 14.55 1.64 7.82
C ASN B 474 15.49 2.65 8.46
N ASP B 475 15.17 3.05 9.69
CA ASP B 475 15.92 4.07 10.40
C ASP B 475 16.54 3.51 11.68
N ASP B 476 17.87 3.56 11.78
CA ASP B 476 18.58 2.92 12.89
C ASP B 476 18.11 3.40 14.26
N ALA B 477 17.84 4.68 14.39
CA ALA B 477 17.43 5.24 15.67
C ALA B 477 16.08 4.68 16.13
N LYS B 478 15.12 4.60 15.22
CA LYS B 478 13.80 4.04 15.55
C LYS B 478 13.91 2.55 15.83
N ILE B 479 14.67 1.87 14.99
CA ILE B 479 14.91 0.46 15.19
C ILE B 479 15.49 0.19 16.60
N LYS B 480 16.46 0.98 17.02
CA LYS B 480 17.08 0.79 18.32
C LYS B 480 16.04 0.95 19.45
N GLU B 481 15.19 1.97 19.33
CA GLU B 481 14.10 2.17 20.28
C GLU B 481 13.14 0.99 20.35
N VAL B 482 12.71 0.49 19.21
CA VAL B 482 11.78 -0.66 19.19
C VAL B 482 12.39 -1.94 19.75
N VAL B 483 13.64 -2.22 19.40
CA VAL B 483 14.36 -3.37 19.93
C VAL B 483 14.47 -3.32 21.46
N ALA B 484 14.66 -2.14 22.03
CA ALA B 484 14.72 -2.03 23.49
C ALA B 484 13.38 -2.41 24.11
N LYS B 485 12.29 -1.95 23.50
CA LYS B 485 10.97 -2.25 24.02
C LYS B 485 10.63 -3.73 23.87
N LEU B 486 10.96 -4.33 22.74
CA LEU B 486 10.74 -5.73 22.57
C LEU B 486 11.55 -6.57 23.54
N SER B 487 12.77 -6.14 23.78
CA SER B 487 13.68 -6.84 24.73
C SER B 487 13.16 -6.75 26.15
N GLU B 488 12.61 -5.58 26.50
CA GLU B 488 12.00 -5.42 27.84
C GLU B 488 10.87 -6.42 28.01
N ILE B 489 9.98 -6.53 27.03
CA ILE B 489 8.88 -7.51 27.10
C ILE B 489 9.39 -8.94 27.15
N LEU B 490 10.38 -9.27 26.35
CA LEU B 490 10.97 -10.60 26.40
C LEU B 490 11.49 -10.93 27.80
N LEU B 491 12.20 -9.98 28.38
CA LEU B 491 12.85 -10.24 29.63
C LEU B 491 11.85 -10.31 30.79
N LYS B 492 10.77 -9.54 30.68
CA LYS B 492 9.75 -9.56 31.70
C LYS B 492 8.84 -10.78 31.59
N ASP B 493 8.49 -11.16 30.36
CA ASP B 493 7.52 -12.21 30.19
C ASP B 493 8.09 -13.59 29.85
N LEU B 494 9.33 -13.64 29.37
CA LEU B 494 10.03 -14.89 29.09
C LEU B 494 9.14 -16.02 28.53
N PRO B 495 8.52 -15.80 27.38
CA PRO B 495 7.90 -16.93 26.69
C PRO B 495 8.94 -17.89 26.07
N PHE B 496 10.16 -17.39 25.93
CA PHE B 496 11.34 -18.07 25.41
C PHE B 496 12.48 -17.65 26.34
N ILE B 497 13.26 -18.63 26.80
CA ILE B 497 14.45 -18.37 27.62
C ILE B 497 15.69 -18.65 26.78
N PRO B 498 16.38 -17.58 26.35
CA PRO B 498 17.64 -17.80 25.66
C PRO B 498 18.72 -18.41 26.54
N LEU B 499 19.47 -19.37 26.01
CA LEU B 499 20.48 -20.02 26.86
C LEU B 499 21.91 -19.96 26.29
N TRP B 500 22.10 -20.37 25.04
CA TRP B 500 23.44 -20.28 24.43
C TRP B 500 23.32 -20.06 22.92
N TYR B 501 24.41 -19.68 22.29
CA TYR B 501 24.42 -19.58 20.84
C TYR B 501 24.98 -20.86 20.24
N ASN B 502 24.15 -21.63 19.56
CA ASN B 502 24.63 -22.90 19.05
C ASN B 502 25.62 -22.61 17.93
N GLY B 503 26.62 -23.49 17.78
CA GLY B 503 27.72 -23.25 16.84
C GLY B 503 27.41 -23.36 15.36
N ALA B 504 28.08 -22.52 14.58
CA ALA B 504 28.21 -22.72 13.15
C ALA B 504 29.40 -23.64 12.98
N TRP B 505 29.13 -24.92 13.05
CA TRP B 505 30.18 -25.93 13.16
C TRP B 505 31.03 -25.95 11.89
N PHE B 506 32.34 -25.79 12.05
CA PHE B 506 33.29 -25.77 10.93
C PHE B 506 34.63 -26.28 11.40
N GLN B 507 35.09 -27.33 10.77
CA GLN B 507 36.49 -27.75 10.90
C GLN B 507 36.95 -28.13 9.49
N ALA B 508 38.25 -28.02 9.25
CA ALA B 508 38.84 -28.37 8.00
C ALA B 508 40.17 -29.09 8.16
N SER B 509 40.43 -29.99 7.22
CA SER B 509 41.74 -30.61 7.07
C SER B 509 42.52 -29.85 5.99
N GLU B 510 43.82 -29.67 6.19
CA GLU B 510 44.69 -29.12 5.13
C GLU B 510 45.54 -30.15 4.44
N ALA B 511 45.11 -31.40 4.47
CA ALA B 511 45.78 -32.43 3.72
C ALA B 511 45.89 -32.09 2.22
N VAL B 512 44.83 -31.53 1.62
CA VAL B 512 44.82 -31.24 0.18
C VAL B 512 44.56 -29.76 -0.09
N TRP B 513 43.56 -29.21 0.57
CA TRP B 513 43.11 -27.82 0.42
C TRP B 513 43.59 -26.97 1.61
N THR B 514 44.11 -25.79 1.32
CA THR B 514 44.48 -24.88 2.38
C THR B 514 43.92 -23.48 2.05
N ASN B 515 44.30 -22.49 2.84
CA ASN B 515 43.76 -21.13 2.72
C ASN B 515 42.25 -20.99 3.04
N TRP B 516 41.80 -21.80 4.00
CA TRP B 516 40.45 -21.69 4.57
C TRP B 516 40.24 -20.32 5.24
N PRO B 517 38.99 -19.83 5.26
CA PRO B 517 38.74 -18.62 6.00
C PRO B 517 38.75 -18.88 7.52
N THR B 518 39.27 -17.94 8.29
CA THR B 518 39.38 -18.05 9.74
C THR B 518 39.34 -16.63 10.28
N GLU B 519 39.39 -16.50 11.60
CA GLU B 519 39.35 -15.20 12.21
C GLU B 519 40.52 -14.36 11.74
N LYS B 520 41.67 -14.98 11.50
CA LYS B 520 42.82 -14.24 10.96
C LYS B 520 42.73 -13.91 9.45
N ASN B 521 41.86 -14.58 8.71
CA ASN B 521 41.69 -14.34 7.27
C ASN B 521 40.19 -14.48 6.95
N PRO B 522 39.37 -13.56 7.49
CA PRO B 522 37.93 -13.77 7.49
C PRO B 522 37.20 -13.40 6.21
N TYR B 523 37.52 -14.10 5.13
CA TYR B 523 37.04 -13.73 3.79
C TYR B 523 35.69 -14.30 3.39
N ALA B 524 35.18 -15.21 4.21
CA ALA B 524 33.94 -15.89 3.96
C ALA B 524 33.53 -16.58 5.24
N VAL B 525 32.25 -16.96 5.33
CA VAL B 525 31.72 -17.79 6.39
C VAL B 525 31.66 -19.22 5.85
N PRO B 526 32.51 -20.12 6.38
CA PRO B 526 32.64 -21.46 5.78
C PRO B 526 31.61 -22.50 6.20
N ILE B 527 30.34 -22.19 5.92
CA ILE B 527 29.20 -23.01 6.35
C ILE B 527 28.36 -23.26 5.11
N GLY B 528 28.08 -24.54 4.83
CA GLY B 528 27.34 -24.96 3.62
C GLY B 528 25.97 -25.53 3.92
N TRP B 529 25.53 -25.39 5.15
CA TRP B 529 24.18 -25.72 5.44
C TRP B 529 23.23 -24.91 4.58
N ASN B 530 22.06 -25.47 4.27
CA ASN B 530 21.03 -24.68 3.60
C ASN B 530 20.76 -23.39 4.35
N GLY B 531 20.67 -22.29 3.61
CA GLY B 531 20.53 -20.96 4.17
C GLY B 531 21.79 -20.16 4.28
N TRP B 532 22.95 -20.83 4.21
CA TRP B 532 24.24 -20.21 4.53
C TRP B 532 25.10 -19.85 3.34
N TRP B 533 24.81 -20.45 2.16
CA TRP B 533 25.57 -20.09 0.94
C TRP B 533 25.38 -18.62 0.64
N GLN B 534 24.18 -18.11 0.95
CA GLN B 534 23.82 -16.69 0.72
C GLN B 534 24.23 -15.76 1.87
N LEU B 535 24.76 -16.38 2.93
CA LEU B 535 25.44 -15.67 4.04
C LEU B 535 26.98 -15.66 3.86
N THR B 536 27.40 -15.88 2.61
CA THR B 536 28.80 -15.92 2.13
C THR B 536 29.52 -17.25 2.21
N GLY B 537 28.81 -18.33 2.46
CA GLY B 537 29.40 -19.66 2.34
C GLY B 537 29.93 -19.91 0.96
N ILE B 538 29.24 -19.37 -0.02
CA ILE B 538 29.72 -19.53 -1.38
C ILE B 538 31.16 -19.03 -1.60
N LYS B 539 31.56 -17.98 -0.91
CA LYS B 539 32.86 -17.38 -1.14
C LYS B 539 34.03 -18.18 -0.63
N THR B 540 33.73 -19.17 0.19
CA THR B 540 34.73 -20.15 0.63
C THR B 540 35.41 -20.76 -0.61
N LEU B 541 34.59 -21.04 -1.61
CA LEU B 541 35.08 -21.73 -2.80
C LEU B 541 36.05 -20.96 -3.68
N PHE B 542 36.16 -19.65 -3.49
CA PHE B 542 37.01 -18.84 -4.35
C PHE B 542 38.37 -18.62 -3.70
N GLY B 543 38.46 -18.82 -2.40
CA GLY B 543 39.69 -18.55 -1.65
C GLY B 543 40.53 -19.77 -1.31
N ILE B 544 39.92 -20.95 -1.21
CA ILE B 544 40.70 -22.14 -0.89
C ILE B 544 41.65 -22.45 -2.05
N GLU B 545 42.73 -23.14 -1.75
CA GLU B 545 43.68 -23.51 -2.79
C GLU B 545 44.30 -24.86 -2.51
N ALA B 546 44.52 -25.63 -3.57
CA ALA B 546 44.98 -26.98 -3.38
C ALA B 546 46.50 -26.94 -3.35
N LYS B 547 47.09 -27.49 -2.29
CA LYS B 547 48.55 -27.65 -2.17
C LYS B 547 49.15 -28.32 -3.42
NA NA C . -6.09 57.55 -0.43
CL CL D . -1.56 10.86 -7.27
C ACT E . -44.12 18.19 -13.31
O ACT E . -44.57 17.20 -12.69
OXT ACT E . -43.70 17.94 -14.46
CH3 ACT E . -44.17 19.56 -12.69
C ACT F . -42.67 23.79 -9.68
O ACT F . -42.15 23.09 -8.78
OXT ACT F . -43.16 24.90 -9.36
CH3 ACT F . -42.76 23.34 -11.09
C ACT G . -18.80 19.48 -22.50
O ACT G . -18.33 19.76 -23.63
OXT ACT G . -18.04 19.56 -21.51
CH3 ACT G . -20.23 19.05 -22.31
N1 EPE H . -12.17 42.25 -23.78
C2 EPE H . -13.58 42.64 -24.02
C3 EPE H . -14.16 41.76 -25.12
N4 EPE H . -13.49 42.01 -26.38
C5 EPE H . -12.09 41.64 -26.27
C6 EPE H . -11.37 42.20 -25.03
C7 EPE H . -14.13 41.43 -27.57
C8 EPE H . -15.02 40.19 -27.41
O8 EPE H . -14.26 39.05 -27.76
C9 EPE H . -11.49 43.18 -22.81
C10 EPE H . -12.34 43.55 -21.59
S EPE H . -11.38 43.87 -20.07
O1S EPE H . -12.34 44.41 -19.12
O2S EPE H . -10.39 44.90 -20.35
O3S EPE H . -10.62 42.67 -19.69
C1 EDO I . -12.31 -0.55 4.53
O1 EDO I . -11.74 -1.27 5.62
C2 EDO I . -12.48 0.88 4.98
O2 EDO I . -13.71 0.97 5.70
C1 EDO J . -20.50 18.61 -10.66
O1 EDO J . -19.35 18.58 -9.85
C2 EDO J . -20.37 17.42 -11.59
O2 EDO J . -19.12 17.52 -12.26
C1 EDO K . -16.07 16.85 -8.85
O1 EDO K . -17.03 17.39 -9.77
C2 EDO K . -15.35 18.00 -8.20
O2 EDO K . -14.85 18.95 -9.15
C1 EDO L . -14.30 5.53 -37.43
O1 EDO L . -13.66 5.63 -36.15
C2 EDO L . -14.77 6.92 -37.85
O2 EDO L . -15.69 7.43 -36.88
C1 EDO M . -20.95 1.71 -2.89
O1 EDO M . -21.33 0.33 -3.03
C2 EDO M . -19.76 2.08 -3.78
O2 EDO M . -18.57 1.54 -3.21
C1 EDO N . -10.76 4.34 7.72
O1 EDO N . -9.75 3.34 7.97
C2 EDO N . -12.02 4.02 8.49
O2 EDO N . -12.65 2.77 8.12
C1 EDO O . -3.04 -1.97 -22.12
O1 EDO O . -2.22 -2.99 -21.54
C2 EDO O . -4.46 -2.23 -21.69
O2 EDO O . -4.75 -3.63 -21.81
C1 EDO P . -12.65 24.82 17.35
O1 EDO P . -11.77 25.88 17.78
C2 EDO P . -14.08 25.30 17.11
O2 EDO P . -14.77 25.61 18.33
C1 EDO Q . -39.23 21.38 -31.66
O1 EDO Q . -38.41 22.50 -31.30
C2 EDO Q . -40.50 21.79 -32.40
O2 EDO Q . -41.62 21.85 -31.49
C1 EDO R . -21.91 29.26 -21.43
O1 EDO R . -20.93 29.05 -20.40
C2 EDO R . -21.88 30.70 -21.90
O2 EDO R . -22.92 31.46 -21.26
C1 EDO S . -28.70 30.54 -24.51
O1 EDO S . -27.52 31.22 -25.02
C2 EDO S . -29.00 30.84 -23.04
O2 EDO S . -27.87 31.42 -22.34
C1 EDO T . -7.75 19.91 -19.50
O1 EDO T . -8.26 19.02 -18.50
C2 EDO T . -7.47 21.28 -18.90
O2 EDO T . -8.67 22.07 -18.85
C1 EDO U . -6.20 9.25 -9.53
O1 EDO U . -5.69 10.17 -8.57
C2 EDO U . -7.34 9.79 -10.33
O2 EDO U . -6.91 11.00 -10.97
C1 EDO V . -23.95 43.84 -16.82
O1 EDO V . -24.05 43.09 -18.03
C2 EDO V . -23.10 45.06 -17.11
O2 EDO V . -21.97 44.69 -17.92
C1 EDO W . -6.87 22.95 13.32
O1 EDO W . -5.55 22.53 13.00
C2 EDO W . -7.26 24.02 12.32
O2 EDO W . -6.37 25.15 12.42
C1 EDO X . -23.06 13.09 -40.14
O1 EDO X . -23.11 14.47 -39.76
C2 EDO X . -24.28 12.39 -39.56
O2 EDO X . -25.36 13.31 -39.27
C FMT Y . -1.42 33.11 3.49
O1 FMT Y . -0.91 34.04 2.82
O2 FMT Y . -1.58 33.17 4.75
C FMT Z . -4.06 29.47 10.22
O1 FMT Z . -4.67 28.43 10.47
O2 FMT Z . -3.07 29.47 9.47
NA NA AA . 6.49 -32.41 47.62
CL CL BA . 1.68 -11.39 5.22
C ACT CA . 18.24 -29.56 3.77
O ACT CA . 17.69 -30.69 3.63
OXT ACT CA . 17.53 -28.62 4.23
CH3 ACT CA . 19.67 -29.32 3.43
C1 EDO DA . 20.19 -19.50 7.62
O1 EDO DA . 19.00 -20.27 7.73
C2 EDO DA . 20.63 -19.25 9.05
O2 EDO DA . 19.58 -18.59 9.74
C1 EDO EA . 11.57 -29.15 -13.58
O1 EDO EA . 10.81 -29.53 -14.74
C2 EDO EA . 11.17 -30.09 -12.45
O2 EDO EA . 11.51 -31.46 -12.80
C1 EDO FA . 6.99 -12.46 2.91
O1 EDO FA . 5.74 -12.34 3.63
C2 EDO FA . 7.19 -13.85 2.35
O2 EDO FA . 6.89 -14.81 3.35
C1 EDO GA . 43.83 -22.01 7.20
O1 EDO GA . 43.79 -22.87 6.05
C2 EDO GA . 45.17 -21.31 7.28
O2 EDO GA . 45.53 -20.69 6.02
C1 EDO HA . 21.32 -3.59 -0.58
O1 EDO HA . 21.84 -3.32 -1.89
C2 EDO HA . 20.04 -4.41 -0.70
O2 EDO HA . 18.94 -3.49 -0.91
C1 EDO IA . 13.85 3.70 3.12
O1 EDO IA . 14.26 4.55 4.19
C2 EDO IA . 12.69 4.33 2.36
O2 EDO IA . 13.24 5.05 1.28
C1 EDO JA . 7.14 -27.04 7.51
O1 EDO JA . 8.41 -27.68 7.62
C2 EDO JA . 7.01 -26.30 6.18
O2 EDO JA . 8.27 -25.74 5.77
C1 EDO KA . 21.11 -34.15 13.47
O1 EDO KA . 21.12 -33.17 12.42
C2 EDO KA . 22.21 -35.18 13.25
O2 EDO KA . 22.87 -35.48 14.49
C1 EDO LA . 41.47 -27.87 25.79
O1 EDO LA . 41.98 -29.01 25.08
C2 EDO LA . 42.30 -26.61 25.49
O2 EDO LA . 43.04 -26.75 24.27
C1 EDO MA . 3.75 -17.18 -14.89
O1 EDO MA . 4.33 -15.88 -14.69
C2 EDO MA . 3.19 -17.66 -13.55
O2 EDO MA . 2.31 -16.66 -13.05
C1 EDO NA . 43.13 -15.18 -0.09
O1 EDO NA . 43.26 -15.25 1.34
C2 EDO NA . 41.65 -15.22 -0.46
O2 EDO NA . 40.95 -14.22 0.31
C1 EDO OA . 16.10 -16.95 10.03
O1 EDO OA . 16.93 -17.49 8.98
C2 EDO OA . 15.50 -18.10 10.84
O2 EDO OA . 16.48 -18.91 11.59
C1 EDO PA . 23.51 -41.62 -11.43
O1 EDO PA . 23.73 -40.53 -10.51
C2 EDO PA . 22.23 -42.35 -11.05
O2 EDO PA . 21.57 -41.64 -10.00
C1 EDO QA . 27.36 -36.67 13.70
O1 EDO QA . 26.44 -37.79 13.72
C2 EDO QA . 28.40 -36.84 12.59
O2 EDO QA . 27.98 -37.91 11.72
#